data_6LA5
#
_entry.id   6LA5
#
_cell.length_a   1.00
_cell.length_b   1.00
_cell.length_c   1.00
_cell.angle_alpha   90.00
_cell.angle_beta   90.00
_cell.angle_gamma   90.00
#
_symmetry.space_group_name_H-M   'P 1'
#
loop_
_entity.id
_entity.type
_entity.pdbx_description
1 polymer 'Capsid protein VP1'
2 polymer 'Capsid protein VP2'
3 polymer 'Capsid protein VP3'
4 polymer 'Capsid protein VP4'
5 polymer 'Complement decay-accelerating factor'
6 non-polymer SPHINGOSINE
#
loop_
_entity_poly.entity_id
_entity_poly.type
_entity_poly.pdbx_seq_one_letter_code
_entity_poly.pdbx_strand_id
1 'polypeptide(L)'
;VVEAVENAVARVADTISSGPSNSQAVPALTAVETGHTSQVTPSDTIQTRHVRNYHSRSESSIENFLCRSACVYMGEYHTT
NTDTSKLFASWTINARRMVQMRRKLELFTYVRFDMEVTFVITSKQDQGTQLGQDMPPLTHQIMYIPPGGPIPKSVTDYTW
QTSTNPSIFWTEGNAPPRMSIPFISIGNAYSNFYDGWSHFSQNGVYGYNTLNHMGQIYVRHVNGSSPLPMTSTVRMYFKP
KHVKVWVPRPPRLCQYKNASTVNFTPTNITEKRQSINYIPETVKP
;
A
2 'polypeptide(L)'
;DRVRSITLGNSTITTQESANVVVAYGRWPEYLKDNEATAEDQPTQPDVATCRFYTLESVTWERDSPGWWWKFPDALKDMG
LFGQNMYYHYLGRAGYTIHVQCNASKFHQGCLMVVCVPEAEMGCSQVDGTVNEHSLSEGETAKKFASTSTNGTNTVQSIV
TNAGMGVGVGNLTIFPHQWINLRTNNCATIVMPYINNVPMDNMFRHHNFTLMIIPFVPLDYSSDSSTYVPITVTVAPMCA
EYNGLRLATSL
;
B
3 'polypeptide(L)'
;GLPVMNTPGSNQFLTSDDFQSPSAMPQFDVTPELNIPGEVQNLMEIAEVDSVVPVNNVEGKLDTMEIYRIPVQSGNHQSS
QVFGFQVQPGLDNVFKHTLLGEILNYYAHWSGSIKLTFVFCGSAMATGKFLLAYAPPGANAPKSRKDAMLGTHIIWDVGL
QSSCVLCIPWISQTHYRLVQQDEYTSAGNVTCWYQTGIVVPAGTPTSCSIMCFVSACNDFSVRLLKDTPFIEQSALLQ
;
C
4 'polypeptide(L)' MGAQVSTQKTGAHETGLNASGRSIIHYTNINYYKDAASNSANRQDFSQDPGKFTEPVKDIMVKSLPALN D
5 'polypeptide(L)'
;KSCPNPGEIRNGQIDVPGGILFGATISFSCNTGYKLFGSTSSFCLISGSSVQWSDPLPECREIYCPAPPQIDNGIIQGER
DHYGYRQSVTYACNKGFTMIGEHSIYCTVNNDEGEWSGPPPECRG
;
E
#
# COMPACT_ATOMS: atom_id res chain seq x y z
N VAL A 1 -19.55 6.53 -44.67
CA VAL A 1 -18.74 7.58 -44.06
C VAL A 1 -17.71 6.94 -43.14
N VAL A 2 -16.45 7.18 -43.46
CA VAL A 2 -15.34 6.66 -42.69
C VAL A 2 -14.66 7.82 -41.96
N GLU A 3 -14.29 7.59 -40.72
CA GLU A 3 -13.67 8.61 -39.87
C GLU A 3 -12.28 8.16 -39.46
N ALA A 4 -11.30 9.03 -39.62
CA ALA A 4 -9.94 8.68 -39.27
C ALA A 4 -9.65 9.14 -37.84
N VAL A 5 -9.23 8.21 -37.00
CA VAL A 5 -8.90 8.49 -35.61
C VAL A 5 -7.39 8.56 -35.46
N GLU A 6 -6.91 9.54 -34.71
CA GLU A 6 -5.47 9.74 -34.51
C GLU A 6 -5.06 9.15 -33.18
N ASN A 7 -4.08 8.25 -33.21
CA ASN A 7 -3.60 7.55 -32.03
C ASN A 7 -2.11 7.83 -31.90
N ALA A 8 -1.75 8.64 -30.90
CA ALA A 8 -0.36 9.00 -30.67
C ALA A 8 0.31 7.95 -29.79
N VAL A 9 1.54 7.59 -30.14
CA VAL A 9 2.32 6.64 -29.36
C VAL A 9 3.26 7.41 -28.45
N ALA A 10 3.33 7.01 -27.19
CA ALA A 10 4.09 7.71 -26.17
C ALA A 10 5.37 6.94 -25.89
N ARG A 11 6.46 7.35 -26.50
CA ARG A 11 7.76 6.77 -26.23
C ARG A 11 8.28 7.27 -24.88
N VAL A 12 9.42 6.73 -24.48
CA VAL A 12 10.08 7.18 -23.27
C VAL A 12 11.24 8.08 -23.67
N ALA A 13 11.71 8.88 -22.73
CA ALA A 13 12.59 9.99 -23.06
C ALA A 13 13.97 9.51 -23.45
N ASP A 14 14.52 10.12 -24.50
CA ASP A 14 15.84 9.78 -24.97
C ASP A 14 16.89 10.21 -23.97
N THR A 15 18.12 9.76 -24.22
CA THR A 15 19.25 10.13 -23.40
C THR A 15 20.06 11.19 -24.12
N ILE A 16 20.02 12.41 -23.62
CA ILE A 16 20.82 13.47 -24.21
C ILE A 16 22.28 13.26 -23.84
N SER A 17 23.18 13.68 -24.73
CA SER A 17 24.60 13.54 -24.48
C SER A 17 25.03 14.36 -23.28
N SER A 18 26.28 14.19 -22.88
CA SER A 18 26.84 14.98 -21.79
C SER A 18 28.36 14.96 -21.88
N GLY A 19 28.99 15.82 -21.11
CA GLY A 19 30.42 15.90 -21.08
C GLY A 19 30.92 16.11 -19.67
N PRO A 20 32.19 16.48 -19.53
CA PRO A 20 32.70 16.85 -18.22
C PRO A 20 31.95 18.04 -17.67
N SER A 21 32.01 18.21 -16.36
CA SER A 21 31.33 19.29 -15.69
C SER A 21 32.15 19.73 -14.50
N ASN A 22 32.19 21.03 -14.28
CA ASN A 22 32.84 21.59 -13.09
C ASN A 22 32.09 22.87 -12.77
N SER A 23 31.08 22.78 -11.92
CA SER A 23 30.16 23.88 -11.74
C SER A 23 29.54 23.79 -10.36
N GLN A 24 28.73 24.78 -10.03
CA GLN A 24 28.01 24.80 -8.77
C GLN A 24 26.62 24.24 -8.90
N ALA A 25 26.30 23.61 -10.03
CA ALA A 25 25.04 22.94 -10.22
C ALA A 25 25.18 21.54 -9.67
N VAL A 26 24.46 21.25 -8.59
CA VAL A 26 24.44 19.91 -8.01
C VAL A 26 23.12 19.24 -8.31
N PRO A 27 22.99 18.53 -9.44
CA PRO A 27 21.74 17.83 -9.72
C PRO A 27 21.55 16.60 -8.88
N ALA A 28 22.52 16.24 -8.04
CA ALA A 28 22.43 15.04 -7.22
C ALA A 28 22.00 15.36 -5.80
N LEU A 29 22.67 16.29 -5.14
CA LEU A 29 22.30 16.68 -3.79
C LEU A 29 20.87 17.21 -3.76
N THR A 30 20.06 16.67 -2.85
CA THR A 30 18.66 17.06 -2.73
C THR A 30 18.22 17.00 -1.28
N ALA A 31 16.92 16.97 -1.03
CA ALA A 31 16.42 16.84 0.34
C ALA A 31 15.07 16.14 0.28
N VAL A 32 15.06 14.85 0.61
CA VAL A 32 13.83 14.08 0.58
C VAL A 32 12.84 14.50 1.61
N GLU A 33 13.24 15.36 2.56
CA GLU A 33 12.32 15.84 3.58
C GLU A 33 11.15 16.60 3.01
N THR A 34 11.22 16.99 1.74
CA THR A 34 10.18 17.79 1.13
C THR A 34 9.08 16.95 0.50
N GLY A 35 9.17 15.62 0.61
CA GLY A 35 8.21 14.78 -0.06
C GLY A 35 8.28 14.87 -1.57
N HIS A 36 9.48 14.96 -2.12
CA HIS A 36 9.68 15.18 -3.55
C HIS A 36 10.71 14.19 -4.03
N THR A 37 10.45 13.60 -5.19
CA THR A 37 11.24 12.50 -5.71
C THR A 37 12.22 13.02 -6.76
N SER A 38 13.51 12.88 -6.49
CA SER A 38 14.54 13.46 -7.33
C SER A 38 14.40 13.04 -8.78
N GLN A 39 14.53 14.00 -9.69
CA GLN A 39 14.55 13.74 -11.12
C GLN A 39 15.97 13.80 -11.67
N VAL A 40 16.75 12.76 -11.44
CA VAL A 40 18.14 12.75 -11.88
C VAL A 40 18.31 11.72 -12.98
N THR A 41 18.21 12.15 -14.19
CA THR A 41 18.51 11.27 -15.30
C THR A 41 19.98 10.93 -15.29
N PRO A 42 20.39 9.80 -15.86
CA PRO A 42 21.80 9.43 -15.78
C PRO A 42 22.71 10.50 -16.35
N SER A 43 22.24 11.23 -17.34
CA SER A 43 23.06 12.25 -17.99
C SER A 43 23.46 13.37 -17.05
N ASP A 44 22.93 13.37 -15.82
CA ASP A 44 23.29 14.35 -14.80
C ASP A 44 24.43 13.89 -13.91
N THR A 45 24.61 12.58 -13.77
CA THR A 45 25.63 12.04 -12.88
C THR A 45 26.88 11.57 -13.62
N ILE A 46 26.77 11.11 -14.86
CA ILE A 46 27.90 10.57 -15.59
C ILE A 46 27.90 11.14 -17.00
N GLN A 47 28.80 10.66 -17.85
CA GLN A 47 28.89 11.06 -19.25
C GLN A 47 28.12 10.06 -20.10
N THR A 48 27.04 10.51 -20.73
CA THR A 48 26.20 9.64 -21.53
C THR A 48 26.29 10.00 -23.00
N ARG A 49 25.97 9.04 -23.84
CA ARG A 49 25.89 9.19 -25.28
C ARG A 49 24.45 9.36 -25.68
N HIS A 50 24.22 10.06 -26.79
CA HIS A 50 22.86 10.31 -27.23
C HIS A 50 22.25 9.00 -27.67
N VAL A 51 21.10 8.66 -27.13
CA VAL A 51 20.44 7.38 -27.36
C VAL A 51 18.99 7.65 -27.71
N ARG A 52 18.63 7.42 -28.95
CA ARG A 52 17.23 7.52 -29.33
C ARG A 52 16.52 6.32 -28.74
N ASN A 53 15.54 6.56 -27.91
CA ASN A 53 14.90 5.51 -27.14
C ASN A 53 13.50 5.33 -27.69
N TYR A 54 13.22 4.15 -28.22
CA TYR A 54 11.94 3.86 -28.87
C TYR A 54 10.97 3.12 -27.98
N HIS A 55 11.36 2.75 -26.77
CA HIS A 55 10.51 1.96 -25.92
C HIS A 55 9.23 2.71 -25.62
N SER A 56 8.21 1.98 -25.23
CA SER A 56 6.90 2.55 -24.96
C SER A 56 6.36 2.01 -23.65
N ARG A 57 5.67 2.88 -22.91
CA ARG A 57 4.95 2.47 -21.72
C ARG A 57 3.49 2.19 -22.03
N SER A 58 3.23 1.34 -23.01
CA SER A 58 1.85 1.07 -23.38
C SER A 58 1.26 -0.06 -22.57
N GLU A 59 1.97 -1.16 -22.41
CA GLU A 59 1.38 -2.26 -21.68
C GLU A 59 1.37 -2.05 -20.19
N SER A 60 1.64 -0.84 -19.73
CA SER A 60 1.55 -0.54 -18.31
C SER A 60 0.50 0.51 -18.01
N SER A 61 -0.21 1.01 -19.00
CA SER A 61 -1.32 1.90 -18.70
C SER A 61 -2.35 1.13 -17.91
N ILE A 62 -3.30 1.86 -17.34
CA ILE A 62 -4.27 1.21 -16.47
C ILE A 62 -5.23 0.36 -17.29
N GLU A 63 -5.57 0.80 -18.48
CA GLU A 63 -6.47 0.02 -19.32
C GLU A 63 -5.82 -1.27 -19.78
N ASN A 64 -4.55 -1.22 -20.17
CA ASN A 64 -3.87 -2.44 -20.59
C ASN A 64 -3.60 -3.36 -19.42
N PHE A 65 -3.49 -2.80 -18.22
CA PHE A 65 -3.16 -3.59 -17.05
C PHE A 65 -4.39 -4.35 -16.55
N LEU A 66 -5.50 -3.64 -16.37
CA LEU A 66 -6.68 -4.25 -15.75
C LEU A 66 -7.56 -4.98 -16.74
N CYS A 67 -7.64 -4.52 -17.97
CA CYS A 67 -8.57 -5.14 -18.90
C CYS A 67 -8.06 -6.51 -19.32
N ARG A 68 -8.10 -7.47 -18.40
CA ARG A 68 -7.84 -8.87 -18.68
C ARG A 68 -8.77 -9.66 -17.79
N SER A 69 -9.44 -10.67 -18.34
CA SER A 69 -10.44 -11.41 -17.57
C SER A 69 -9.76 -12.20 -16.47
N ALA A 70 -10.47 -12.40 -15.37
CA ALA A 70 -9.98 -13.15 -14.23
C ALA A 70 -11.15 -13.73 -13.48
N CYS A 71 -11.01 -14.93 -12.95
CA CYS A 71 -12.12 -15.57 -12.25
C CYS A 71 -12.32 -14.93 -10.90
N VAL A 72 -13.59 -14.80 -10.49
CA VAL A 72 -13.93 -14.16 -9.23
C VAL A 72 -14.90 -14.98 -8.39
N TYR A 73 -15.41 -16.11 -8.89
CA TYR A 73 -16.21 -17.02 -8.10
C TYR A 73 -16.31 -18.36 -8.81
N MET A 74 -16.32 -19.44 -8.02
CA MET A 74 -16.59 -20.80 -8.48
C MET A 74 -17.65 -21.44 -7.61
N GLY A 75 -18.71 -21.96 -8.20
CA GLY A 75 -19.76 -22.59 -7.41
C GLY A 75 -20.38 -23.78 -8.10
N GLU A 76 -20.76 -24.78 -7.30
CA GLU A 76 -21.30 -26.03 -7.83
C GLU A 76 -22.77 -26.20 -7.53
N TYR A 77 -23.47 -26.88 -8.43
CA TYR A 77 -24.87 -27.19 -8.21
C TYR A 77 -25.22 -28.49 -8.94
N HIS A 78 -26.13 -29.25 -8.35
CA HIS A 78 -26.43 -30.59 -8.82
C HIS A 78 -27.76 -30.61 -9.54
N THR A 79 -27.90 -31.54 -10.49
CA THR A 79 -29.19 -31.70 -11.15
C THR A 79 -30.21 -32.30 -10.21
N THR A 80 -29.80 -33.29 -9.42
CA THR A 80 -30.64 -33.92 -8.42
C THR A 80 -29.89 -33.94 -7.10
N ASN A 81 -30.62 -33.77 -6.01
CA ASN A 81 -30.07 -33.92 -4.67
C ASN A 81 -31.23 -34.12 -3.71
N THR A 82 -30.91 -34.21 -2.43
CA THR A 82 -31.91 -34.33 -1.37
C THR A 82 -31.83 -33.13 -0.44
N ASP A 83 -31.53 -31.96 -1.00
CA ASP A 83 -31.37 -30.76 -0.19
C ASP A 83 -32.20 -29.63 -0.79
N THR A 84 -32.39 -29.64 -2.11
CA THR A 84 -33.22 -28.68 -2.83
C THR A 84 -32.65 -27.27 -2.77
N SER A 85 -31.58 -27.08 -2.00
CA SER A 85 -30.83 -25.84 -2.02
C SER A 85 -29.46 -26.03 -2.61
N LYS A 86 -29.10 -27.27 -2.93
CA LYS A 86 -27.90 -27.59 -3.67
C LYS A 86 -28.20 -27.83 -5.14
N LEU A 87 -29.45 -27.67 -5.54
CA LEU A 87 -29.81 -27.76 -6.95
C LEU A 87 -29.58 -26.45 -7.69
N PHE A 88 -29.17 -25.40 -7.00
CA PHE A 88 -28.86 -24.15 -7.67
C PHE A 88 -27.78 -23.42 -6.91
N ALA A 89 -26.97 -22.67 -7.64
CA ALA A 89 -25.90 -21.88 -7.06
C ALA A 89 -26.40 -20.46 -6.84
N SER A 90 -25.74 -19.75 -5.93
CA SER A 90 -26.18 -18.43 -5.52
C SER A 90 -25.05 -17.74 -4.80
N TRP A 91 -24.91 -16.44 -5.04
CA TRP A 91 -23.87 -15.72 -4.34
C TRP A 91 -24.05 -14.23 -4.51
N THR A 92 -23.67 -13.46 -3.48
CA THR A 92 -23.61 -12.01 -3.60
C THR A 92 -22.39 -11.62 -4.40
N ILE A 93 -22.50 -10.51 -5.12
CA ILE A 93 -21.47 -10.12 -6.07
C ILE A 93 -20.44 -9.24 -5.39
N ASN A 94 -19.18 -9.63 -5.50
CA ASN A 94 -18.03 -8.80 -5.18
C ASN A 94 -16.82 -9.44 -5.84
N ALA A 95 -15.80 -8.65 -6.08
CA ALA A 95 -14.58 -9.14 -6.72
C ALA A 95 -13.58 -9.66 -5.70
N ARG A 96 -14.07 -10.00 -4.50
CA ARG A 96 -13.24 -10.06 -3.32
C ARG A 96 -12.99 -11.44 -2.75
N ARG A 97 -13.37 -12.51 -3.44
CA ARG A 97 -13.13 -13.85 -2.94
C ARG A 97 -11.92 -14.51 -3.56
N MET A 98 -11.41 -13.98 -4.67
CA MET A 98 -10.20 -14.47 -5.29
C MET A 98 -9.09 -13.45 -5.09
N VAL A 99 -7.93 -13.91 -4.61
CA VAL A 99 -6.89 -13.00 -4.18
C VAL A 99 -6.26 -12.27 -5.35
N GLN A 100 -6.23 -12.88 -6.54
CA GLN A 100 -5.45 -12.30 -7.62
C GLN A 100 -6.08 -10.99 -8.10
N MET A 101 -7.32 -11.05 -8.57
CA MET A 101 -7.94 -9.81 -9.02
C MET A 101 -8.24 -8.86 -7.87
N ARG A 102 -8.49 -9.38 -6.66
CA ARG A 102 -8.62 -8.50 -5.52
C ARG A 102 -7.38 -7.65 -5.35
N ARG A 103 -6.23 -8.30 -5.14
CA ARG A 103 -4.99 -7.56 -4.95
C ARG A 103 -4.69 -6.66 -6.13
N LYS A 104 -5.05 -7.08 -7.34
CA LYS A 104 -4.80 -6.27 -8.52
C LYS A 104 -5.60 -4.97 -8.47
N LEU A 105 -6.91 -5.09 -8.21
CA LEU A 105 -7.76 -3.91 -8.12
C LEU A 105 -7.40 -3.02 -6.96
N GLU A 106 -6.75 -3.55 -5.93
CA GLU A 106 -6.53 -2.83 -4.68
C GLU A 106 -5.19 -2.14 -4.63
N LEU A 107 -4.67 -1.70 -5.75
CA LEU A 107 -3.61 -0.73 -5.74
C LEU A 107 -4.16 0.67 -5.80
N PHE A 108 -5.47 0.82 -5.94
CA PHE A 108 -6.15 2.10 -6.09
C PHE A 108 -7.32 2.15 -5.12
N THR A 109 -7.68 3.35 -4.68
CA THR A 109 -8.75 3.42 -3.69
C THR A 109 -10.12 3.50 -4.33
N TYR A 110 -10.25 4.15 -5.47
CA TYR A 110 -11.53 4.31 -6.15
C TYR A 110 -11.36 3.88 -7.59
N VAL A 111 -12.13 2.89 -8.01
CA VAL A 111 -12.04 2.36 -9.36
C VAL A 111 -13.41 2.47 -10.01
N ARG A 112 -13.48 3.11 -11.16
CA ARG A 112 -14.72 3.34 -11.88
C ARG A 112 -14.56 2.74 -13.27
N PHE A 113 -15.41 1.77 -13.61
CA PHE A 113 -15.24 1.12 -14.91
C PHE A 113 -16.50 0.35 -15.28
N ASP A 114 -16.60 0.02 -16.55
CA ASP A 114 -17.56 -0.94 -17.05
C ASP A 114 -16.96 -2.33 -16.93
N MET A 115 -17.77 -3.35 -17.15
CA MET A 115 -17.23 -4.70 -17.14
C MET A 115 -17.76 -5.54 -18.26
N GLU A 116 -17.02 -6.59 -18.56
CA GLU A 116 -17.39 -7.64 -19.48
C GLU A 116 -17.36 -8.93 -18.68
N VAL A 117 -18.53 -9.54 -18.47
CA VAL A 117 -18.66 -10.70 -17.61
C VAL A 117 -18.85 -11.93 -18.48
N THR A 118 -18.10 -12.99 -18.15
CA THR A 118 -18.13 -14.25 -18.86
C THR A 118 -18.36 -15.36 -17.87
N PHE A 119 -18.99 -16.44 -18.30
CA PHE A 119 -19.28 -17.57 -17.44
C PHE A 119 -18.77 -18.83 -18.11
N VAL A 120 -18.06 -19.66 -17.35
CA VAL A 120 -17.57 -20.94 -17.85
C VAL A 120 -18.23 -22.02 -17.02
N ILE A 121 -19.17 -22.73 -17.62
CA ILE A 121 -20.03 -23.68 -16.91
C ILE A 121 -19.72 -25.07 -17.42
N THR A 122 -19.29 -25.94 -16.52
CA THR A 122 -18.80 -27.26 -16.92
C THR A 122 -19.40 -28.31 -16.02
N SER A 123 -20.14 -29.24 -16.61
CA SER A 123 -20.80 -30.31 -15.89
C SER A 123 -19.95 -31.56 -15.92
N LYS A 124 -20.11 -32.39 -14.90
CA LYS A 124 -19.49 -33.70 -14.86
C LYS A 124 -20.51 -34.68 -14.31
N GLN A 125 -20.40 -35.92 -14.78
CA GLN A 125 -21.25 -36.98 -14.29
C GLN A 125 -20.70 -37.46 -12.95
N ASP A 126 -21.58 -37.52 -11.95
CA ASP A 126 -21.11 -37.86 -10.62
C ASP A 126 -20.74 -39.33 -10.54
N GLN A 127 -19.66 -39.60 -9.82
CA GLN A 127 -19.15 -40.96 -9.67
C GLN A 127 -20.16 -41.79 -8.89
N GLY A 128 -20.44 -42.99 -9.37
CA GLY A 128 -21.41 -43.84 -8.73
C GLY A 128 -21.28 -45.28 -9.16
N THR A 129 -22.30 -46.09 -8.88
CA THR A 129 -22.22 -47.51 -9.23
C THR A 129 -22.79 -47.78 -10.61
N GLN A 130 -24.00 -47.30 -10.87
CA GLN A 130 -24.69 -47.53 -12.14
C GLN A 130 -24.58 -46.26 -12.95
N LEU A 131 -23.54 -46.17 -13.77
CA LEU A 131 -23.43 -45.10 -14.73
C LEU A 131 -24.08 -45.53 -16.03
N GLY A 132 -24.09 -44.65 -17.02
CA GLY A 132 -24.69 -45.03 -18.27
C GLY A 132 -26.11 -44.56 -18.39
N GLN A 133 -26.35 -43.69 -19.38
CA GLN A 133 -27.62 -43.04 -19.58
C GLN A 133 -27.50 -42.25 -20.87
N ASP A 134 -28.62 -41.78 -21.37
CA ASP A 134 -28.61 -40.91 -22.54
C ASP A 134 -29.24 -39.59 -22.14
N MET A 135 -28.44 -38.73 -21.54
CA MET A 135 -29.14 -37.51 -21.21
C MET A 135 -28.88 -36.48 -22.29
N PRO A 136 -29.87 -35.67 -22.66
CA PRO A 136 -29.67 -34.67 -23.69
C PRO A 136 -28.78 -33.55 -23.19
N PRO A 137 -28.43 -32.58 -24.03
CA PRO A 137 -27.59 -31.48 -23.55
C PRO A 137 -28.28 -30.72 -22.43
N LEU A 138 -27.50 -30.39 -21.41
CA LEU A 138 -28.02 -29.58 -20.31
C LEU A 138 -28.05 -28.13 -20.74
N THR A 139 -29.07 -27.40 -20.29
CA THR A 139 -29.13 -25.96 -20.47
C THR A 139 -29.28 -25.32 -19.10
N HIS A 140 -28.66 -24.14 -18.95
CA HIS A 140 -28.56 -23.47 -17.66
C HIS A 140 -29.16 -22.08 -17.74
N GLN A 141 -29.71 -21.63 -16.62
CA GLN A 141 -30.19 -20.26 -16.46
C GLN A 141 -29.38 -19.55 -15.40
N ILE A 142 -28.93 -18.35 -15.73
CA ILE A 142 -28.14 -17.50 -14.85
C ILE A 142 -28.96 -16.25 -14.63
N MET A 143 -29.52 -16.07 -13.45
CA MET A 143 -30.34 -14.90 -13.16
C MET A 143 -29.58 -13.95 -12.26
N TYR A 144 -29.74 -12.67 -12.50
CA TYR A 144 -29.14 -11.63 -11.69
C TYR A 144 -30.24 -11.01 -10.85
N ILE A 145 -30.09 -11.04 -9.53
CA ILE A 145 -31.09 -10.50 -8.62
C ILE A 145 -30.58 -9.17 -8.07
N PRO A 146 -31.02 -8.03 -8.60
CA PRO A 146 -30.62 -6.75 -8.04
C PRO A 146 -30.99 -6.67 -6.58
N PRO A 147 -30.51 -5.68 -5.85
CA PRO A 147 -30.81 -5.64 -4.43
C PRO A 147 -32.23 -5.22 -4.15
N GLY A 148 -33.06 -6.20 -3.81
CA GLY A 148 -34.45 -5.91 -3.50
C GLY A 148 -35.44 -6.91 -4.06
N GLY A 149 -35.10 -7.49 -5.20
CA GLY A 149 -35.98 -8.44 -5.85
C GLY A 149 -36.16 -9.68 -5.03
N PRO A 150 -37.14 -10.51 -5.40
CA PRO A 150 -37.36 -11.75 -4.67
C PRO A 150 -36.39 -12.82 -5.13
N ILE A 151 -35.87 -13.58 -4.18
CA ILE A 151 -34.83 -14.56 -4.47
C ILE A 151 -35.43 -15.97 -4.47
N PRO A 152 -34.95 -16.87 -5.32
CA PRO A 152 -35.55 -18.20 -5.41
C PRO A 152 -35.39 -19.01 -4.14
N LYS A 153 -36.33 -19.95 -3.95
CA LYS A 153 -36.27 -20.93 -2.88
C LYS A 153 -36.11 -22.35 -3.39
N SER A 154 -36.32 -22.58 -4.68
CA SER A 154 -36.08 -23.86 -5.31
C SER A 154 -35.82 -23.63 -6.78
N VAL A 155 -35.46 -24.70 -7.50
CA VAL A 155 -35.31 -24.62 -8.94
C VAL A 155 -36.63 -24.64 -9.67
N THR A 156 -37.75 -24.72 -8.96
CA THR A 156 -39.06 -24.71 -9.56
C THR A 156 -39.85 -23.51 -9.07
N ASP A 157 -39.16 -22.46 -8.68
CA ASP A 157 -39.79 -21.26 -8.14
C ASP A 157 -40.54 -20.53 -9.24
N TYR A 158 -41.28 -19.50 -8.82
CA TYR A 158 -41.86 -18.60 -9.79
C TYR A 158 -40.85 -17.55 -10.24
N THR A 159 -39.90 -17.21 -9.37
CA THR A 159 -38.96 -16.13 -9.66
C THR A 159 -38.18 -16.37 -10.93
N TRP A 160 -37.94 -17.62 -11.28
CA TRP A 160 -37.16 -17.87 -12.48
C TRP A 160 -37.89 -17.46 -13.75
N GLN A 161 -39.11 -16.92 -13.65
CA GLN A 161 -39.77 -16.34 -14.80
C GLN A 161 -39.03 -15.13 -15.35
N THR A 162 -38.10 -14.58 -14.57
CA THR A 162 -37.22 -13.48 -14.96
C THR A 162 -37.93 -12.45 -15.84
N SER A 163 -39.03 -11.93 -15.32
CA SER A 163 -39.78 -10.92 -16.06
C SER A 163 -38.97 -9.66 -16.26
N THR A 164 -38.29 -9.18 -15.22
CA THR A 164 -37.48 -7.98 -15.35
C THR A 164 -36.01 -8.18 -15.00
N ASN A 165 -35.68 -9.10 -14.12
CA ASN A 165 -34.28 -9.41 -13.90
C ASN A 165 -33.68 -9.97 -15.18
N PRO A 166 -32.47 -9.58 -15.55
CA PRO A 166 -31.84 -10.18 -16.72
C PRO A 166 -31.29 -11.55 -16.38
N SER A 167 -31.47 -12.49 -17.30
CA SER A 167 -30.96 -13.83 -17.08
C SER A 167 -30.68 -14.50 -18.42
N ILE A 168 -29.72 -15.41 -18.39
CA ILE A 168 -29.14 -16.03 -19.59
C ILE A 168 -29.43 -17.51 -19.59
N PHE A 169 -29.96 -18.01 -20.69
CA PHE A 169 -30.10 -19.44 -20.92
C PHE A 169 -29.04 -19.88 -21.92
N TRP A 170 -28.29 -20.91 -21.56
CA TRP A 170 -27.16 -21.35 -22.37
C TRP A 170 -27.13 -22.87 -22.39
N THR A 171 -27.10 -23.44 -23.58
CA THR A 171 -27.17 -24.88 -23.80
C THR A 171 -25.78 -25.43 -24.03
N GLU A 172 -25.34 -26.32 -23.15
CA GLU A 172 -23.94 -26.70 -23.02
C GLU A 172 -23.37 -27.20 -24.33
N GLY A 173 -22.17 -26.74 -24.66
CA GLY A 173 -21.52 -27.10 -25.90
C GLY A 173 -21.19 -25.94 -26.81
N ASN A 174 -21.67 -24.74 -26.51
CA ASN A 174 -21.44 -23.55 -27.31
C ASN A 174 -20.35 -22.70 -26.68
N ALA A 175 -20.18 -21.50 -27.22
CA ALA A 175 -19.22 -20.55 -26.65
C ALA A 175 -19.77 -19.99 -25.35
N PRO A 176 -18.90 -19.61 -24.42
CA PRO A 176 -19.38 -19.25 -23.09
C PRO A 176 -20.31 -18.06 -23.14
N PRO A 177 -21.18 -17.91 -22.14
CA PRO A 177 -22.12 -16.80 -22.13
C PRO A 177 -21.48 -15.53 -21.60
N ARG A 178 -21.44 -14.50 -22.43
CA ARG A 178 -20.79 -13.25 -22.10
C ARG A 178 -21.75 -12.10 -22.32
N MET A 179 -21.67 -11.09 -21.46
CA MET A 179 -22.44 -9.88 -21.63
C MET A 179 -21.67 -8.73 -21.02
N SER A 180 -22.19 -7.53 -21.17
CA SER A 180 -21.49 -6.32 -20.77
C SER A 180 -22.32 -5.53 -19.79
N ILE A 181 -21.65 -4.86 -18.86
CA ILE A 181 -22.32 -4.29 -17.70
C ILE A 181 -21.84 -2.86 -17.47
N PRO A 182 -22.72 -1.90 -17.33
CA PRO A 182 -22.28 -0.51 -17.12
C PRO A 182 -21.75 -0.29 -15.72
N PHE A 183 -21.48 0.98 -15.40
CA PHE A 183 -21.00 1.36 -14.09
C PHE A 183 -22.20 1.41 -13.15
N ILE A 184 -22.57 0.27 -12.58
CA ILE A 184 -23.84 0.17 -11.83
C ILE A 184 -23.51 0.49 -10.38
N SER A 185 -23.42 1.78 -10.09
CA SER A 185 -23.11 2.19 -8.73
C SER A 185 -23.84 3.48 -8.42
N ILE A 186 -23.93 3.79 -7.14
CA ILE A 186 -24.58 5.01 -6.71
C ILE A 186 -23.58 6.08 -6.28
N GLY A 187 -22.38 5.70 -5.89
CA GLY A 187 -21.35 6.68 -5.66
C GLY A 187 -20.88 7.20 -7.00
N ASN A 188 -19.71 7.81 -7.05
CA ASN A 188 -19.14 8.19 -8.33
C ASN A 188 -17.94 7.33 -8.69
N ALA A 189 -17.67 6.28 -7.92
CA ALA A 189 -16.57 5.36 -8.14
C ALA A 189 -16.70 4.21 -7.17
N TYR A 190 -16.43 2.99 -7.64
CA TYR A 190 -16.41 1.86 -6.72
C TYR A 190 -15.28 2.06 -5.73
N SER A 191 -15.60 2.04 -4.45
CA SER A 191 -14.63 2.34 -3.41
C SER A 191 -14.14 1.02 -2.86
N ASN A 192 -12.94 0.61 -3.28
CA ASN A 192 -12.37 -0.65 -2.81
C ASN A 192 -12.23 -0.66 -1.31
N PHE A 193 -11.94 0.49 -0.71
CA PHE A 193 -11.74 0.63 0.72
C PHE A 193 -12.78 1.57 1.29
N TYR A 194 -12.94 1.54 2.60
CA TYR A 194 -13.87 2.44 3.27
C TYR A 194 -13.52 2.39 4.75
N ASP A 195 -13.06 3.52 5.29
CA ASP A 195 -12.76 3.59 6.71
C ASP A 195 -13.94 4.21 7.43
N GLY A 196 -14.93 3.38 7.70
CA GLY A 196 -16.12 3.90 8.33
C GLY A 196 -17.10 2.79 8.61
N TRP A 197 -18.23 3.20 9.14
CA TRP A 197 -19.28 2.33 9.64
C TRP A 197 -20.51 2.50 8.78
N SER A 198 -21.58 1.81 9.14
CA SER A 198 -22.87 2.03 8.53
C SER A 198 -23.78 2.88 9.39
N HIS A 199 -23.83 2.63 10.68
CA HIS A 199 -24.66 3.41 11.58
C HIS A 199 -23.93 4.65 12.04
N PHE A 200 -24.70 5.70 12.29
CA PHE A 200 -24.15 7.00 12.65
C PHE A 200 -23.65 7.04 14.08
N SER A 201 -23.98 6.04 14.89
CA SER A 201 -23.45 5.92 16.23
C SER A 201 -22.03 5.37 16.24
N GLN A 202 -21.38 5.35 15.08
CA GLN A 202 -20.04 4.81 14.92
C GLN A 202 -19.99 3.37 15.40
N ASN A 203 -20.90 2.55 14.87
CA ASN A 203 -20.87 1.11 15.05
C ASN A 203 -21.69 0.50 13.92
N GLY A 204 -21.72 -0.82 13.88
CA GLY A 204 -22.43 -1.50 12.83
C GLY A 204 -21.56 -2.52 12.13
N VAL A 205 -21.37 -2.38 10.82
CA VAL A 205 -20.39 -3.15 10.08
C VAL A 205 -19.30 -2.19 9.62
N TYR A 206 -18.08 -2.67 9.56
CA TYR A 206 -16.93 -1.83 9.28
C TYR A 206 -16.42 -2.12 7.88
N GLY A 207 -16.29 -1.09 7.08
CA GLY A 207 -15.49 -1.15 5.87
C GLY A 207 -16.34 -1.44 4.64
N TYR A 208 -15.84 -2.35 3.81
CA TYR A 208 -16.34 -2.47 2.44
C TYR A 208 -17.80 -2.89 2.40
N ASN A 209 -18.18 -3.89 3.20
CA ASN A 209 -19.53 -4.42 3.13
C ASN A 209 -20.59 -3.34 3.24
N THR A 210 -20.33 -2.30 4.03
CA THR A 210 -21.24 -1.17 4.16
C THR A 210 -21.65 -0.64 2.79
N LEU A 211 -20.68 -0.17 2.03
CA LEU A 211 -20.87 0.56 0.80
C LEU A 211 -21.56 -0.24 -0.28
N ASN A 212 -20.92 -1.31 -0.75
CA ASN A 212 -21.27 -1.91 -2.03
C ASN A 212 -22.28 -3.03 -1.90
N HIS A 213 -23.50 -2.78 -2.40
CA HIS A 213 -24.57 -3.77 -2.45
C HIS A 213 -25.02 -3.85 -3.90
N MET A 214 -24.59 -4.92 -4.57
CA MET A 214 -24.83 -5.08 -5.99
C MET A 214 -25.70 -6.30 -6.31
N GLY A 215 -26.22 -6.97 -5.31
CA GLY A 215 -27.18 -8.02 -5.55
C GLY A 215 -26.50 -9.36 -5.70
N GLN A 216 -27.29 -10.33 -6.16
CA GLN A 216 -26.88 -11.71 -6.13
C GLN A 216 -26.96 -12.30 -7.52
N ILE A 217 -26.48 -13.53 -7.65
CA ILE A 217 -26.62 -14.29 -8.88
C ILE A 217 -27.04 -15.70 -8.51
N TYR A 218 -27.92 -16.27 -9.33
CA TYR A 218 -28.52 -17.58 -9.09
C TYR A 218 -28.47 -18.39 -10.37
N VAL A 219 -27.81 -19.53 -10.34
CA VAL A 219 -27.67 -20.36 -11.52
C VAL A 219 -28.38 -21.70 -11.27
N ARG A 220 -28.96 -22.26 -12.34
CA ARG A 220 -29.76 -23.48 -12.24
C ARG A 220 -29.71 -24.24 -13.55
N HIS A 221 -30.04 -25.53 -13.48
CA HIS A 221 -30.24 -26.37 -14.66
C HIS A 221 -31.69 -26.27 -15.10
N VAL A 222 -31.94 -25.79 -16.32
CA VAL A 222 -33.31 -25.67 -16.76
C VAL A 222 -33.93 -27.04 -17.03
N ASN A 223 -33.14 -27.98 -17.55
CA ASN A 223 -33.66 -29.26 -18.05
C ASN A 223 -34.67 -29.87 -17.10
N GLY A 224 -34.25 -30.20 -15.90
CA GLY A 224 -35.07 -30.91 -14.97
C GLY A 224 -34.18 -31.84 -14.19
N SER A 225 -34.75 -32.84 -13.53
CA SER A 225 -33.93 -33.76 -12.79
C SER A 225 -33.19 -34.68 -13.75
N SER A 226 -32.50 -35.67 -13.21
CA SER A 226 -31.61 -36.51 -13.97
C SER A 226 -31.73 -37.93 -13.46
N PRO A 227 -31.70 -38.93 -14.34
CA PRO A 227 -31.80 -40.32 -13.87
C PRO A 227 -30.72 -40.66 -12.86
N LEU A 228 -29.49 -40.25 -13.13
CA LEU A 228 -28.33 -40.41 -12.30
C LEU A 228 -27.69 -39.06 -12.03
N PRO A 229 -27.17 -38.83 -10.84
CA PRO A 229 -26.76 -37.47 -10.46
C PRO A 229 -25.67 -36.92 -11.35
N MET A 230 -25.65 -35.60 -11.49
CA MET A 230 -24.59 -34.88 -12.18
C MET A 230 -24.39 -33.56 -11.47
N THR A 231 -23.18 -33.01 -11.57
CA THR A 231 -22.87 -31.79 -10.86
C THR A 231 -22.15 -30.83 -11.78
N SER A 232 -22.59 -29.58 -11.80
CA SER A 232 -22.05 -28.56 -12.68
C SER A 232 -21.35 -27.49 -11.87
N THR A 233 -20.26 -26.96 -12.40
CA THR A 233 -19.52 -25.91 -11.73
C THR A 233 -19.42 -24.69 -12.62
N VAL A 234 -19.76 -23.54 -12.06
CA VAL A 234 -19.81 -22.27 -12.78
C VAL A 234 -18.71 -21.37 -12.26
N ARG A 235 -17.91 -20.84 -13.18
CA ARG A 235 -16.88 -19.88 -12.86
C ARG A 235 -17.21 -18.57 -13.54
N MET A 236 -17.02 -17.48 -12.82
CA MET A 236 -17.41 -16.17 -13.31
C MET A 236 -16.18 -15.31 -13.49
N TYR A 237 -16.06 -14.64 -14.64
CA TYR A 237 -14.86 -13.91 -15.04
C TYR A 237 -15.22 -12.46 -15.28
N PHE A 238 -14.53 -11.54 -14.59
CA PHE A 238 -14.73 -10.11 -14.73
C PHE A 238 -13.61 -9.49 -15.56
N LYS A 239 -13.96 -8.65 -16.53
CA LYS A 239 -12.92 -7.93 -17.24
C LYS A 239 -13.27 -6.46 -17.35
N PRO A 240 -12.62 -5.59 -16.58
CA PRO A 240 -13.02 -4.18 -16.55
C PRO A 240 -12.61 -3.43 -17.81
N LYS A 241 -13.59 -2.85 -18.48
CA LYS A 241 -13.34 -2.01 -19.64
C LYS A 241 -13.60 -0.56 -19.26
N HIS A 242 -13.02 0.35 -20.04
CA HIS A 242 -13.21 1.79 -19.86
C HIS A 242 -12.85 2.22 -18.44
N VAL A 243 -11.62 1.92 -18.05
CA VAL A 243 -11.18 1.91 -16.65
C VAL A 243 -10.61 3.27 -16.26
N LYS A 244 -11.10 3.80 -15.15
CA LYS A 244 -10.59 5.00 -14.51
C LYS A 244 -10.29 4.64 -13.06
N VAL A 245 -9.21 5.17 -12.50
CA VAL A 245 -8.73 4.77 -11.19
C VAL A 245 -8.10 5.95 -10.48
N TRP A 246 -8.25 5.99 -9.15
CA TRP A 246 -7.79 7.16 -8.40
C TRP A 246 -7.06 6.72 -7.14
N VAL A 247 -6.20 7.61 -6.64
CA VAL A 247 -5.55 7.52 -5.33
C VAL A 247 -4.90 6.16 -5.14
N PRO A 248 -3.73 5.91 -5.74
CA PRO A 248 -3.09 4.62 -5.59
C PRO A 248 -2.61 4.38 -4.18
N ARG A 249 -2.42 3.10 -3.85
CA ARG A 249 -2.05 2.66 -2.52
C ARG A 249 -0.93 1.64 -2.64
N PRO A 250 -0.16 1.42 -1.58
CA PRO A 250 0.86 0.41 -1.62
C PRO A 250 0.25 -0.96 -1.83
N PRO A 251 0.86 -1.82 -2.63
CA PRO A 251 0.32 -3.15 -2.81
C PRO A 251 0.28 -3.91 -1.50
N ARG A 252 -0.68 -4.82 -1.38
CA ARG A 252 -0.83 -5.62 -0.19
C ARG A 252 0.42 -6.47 0.02
N LEU A 253 0.80 -6.64 1.29
CA LEU A 253 1.92 -7.50 1.65
C LEU A 253 1.45 -8.81 2.27
N CYS A 254 0.66 -8.72 3.34
CA CYS A 254 0.22 -9.89 4.06
C CYS A 254 -0.90 -10.59 3.31
N GLN A 255 -1.05 -11.89 3.54
CA GLN A 255 -2.03 -12.66 2.80
C GLN A 255 -3.44 -12.35 3.28
N TYR A 256 -4.41 -12.53 2.40
CA TYR A 256 -5.80 -12.24 2.72
C TYR A 256 -6.37 -13.32 3.63
N LYS A 257 -7.31 -12.92 4.48
CA LYS A 257 -7.97 -13.85 5.39
C LYS A 257 -9.41 -14.15 4.99
N ASN A 258 -10.22 -13.13 4.76
CA ASN A 258 -11.62 -13.31 4.39
C ASN A 258 -12.01 -12.23 3.40
N ALA A 259 -13.20 -12.37 2.83
CA ALA A 259 -13.69 -11.42 1.86
C ALA A 259 -14.43 -10.25 2.49
N SER A 260 -14.69 -10.31 3.79
CA SER A 260 -15.34 -9.22 4.48
C SER A 260 -14.36 -8.11 4.81
N THR A 261 -13.28 -8.47 5.50
CA THR A 261 -12.41 -7.54 6.19
C THR A 261 -11.02 -7.52 5.60
N VAL A 262 -10.24 -6.52 6.01
CA VAL A 262 -8.84 -6.45 5.67
C VAL A 262 -7.97 -7.03 6.77
N ASN A 263 -8.54 -7.83 7.66
CA ASN A 263 -7.78 -8.45 8.72
C ASN A 263 -6.63 -9.24 8.15
N PHE A 264 -5.57 -9.38 8.94
CA PHE A 264 -4.35 -10.03 8.49
C PHE A 264 -3.58 -10.47 9.71
N THR A 265 -2.58 -11.30 9.48
CA THR A 265 -1.51 -11.63 10.39
C THR A 265 -0.26 -10.84 10.02
N PRO A 266 0.54 -10.42 10.97
CA PRO A 266 1.75 -9.68 10.63
C PRO A 266 2.76 -10.58 9.94
N THR A 267 3.35 -10.07 8.87
CA THR A 267 4.40 -10.77 8.16
C THR A 267 5.68 -9.94 8.15
N ASN A 268 6.77 -10.58 7.75
CA ASN A 268 8.03 -9.87 7.64
C ASN A 268 7.97 -8.92 6.46
N ILE A 269 8.84 -7.93 6.48
CA ILE A 269 8.88 -6.97 5.38
C ILE A 269 9.39 -7.62 4.11
N THR A 270 10.41 -8.45 4.23
CA THR A 270 11.08 -9.09 3.11
C THR A 270 11.90 -10.24 3.68
N GLU A 271 12.52 -11.02 2.80
CA GLU A 271 13.23 -12.19 3.26
C GLU A 271 14.73 -11.90 3.43
N LYS A 272 15.39 -12.78 4.15
CA LYS A 272 16.70 -12.49 4.70
C LYS A 272 17.83 -12.83 3.73
N ARG A 273 18.99 -12.25 3.98
CA ARG A 273 20.24 -12.64 3.38
C ARG A 273 21.25 -12.79 4.50
N GLN A 274 22.44 -13.27 4.16
CA GLN A 274 23.42 -13.62 5.18
C GLN A 274 23.84 -12.40 5.98
N SER A 275 24.32 -11.36 5.31
CA SER A 275 24.76 -10.15 5.97
C SER A 275 24.10 -8.97 5.30
N ILE A 276 24.54 -7.76 5.64
CA ILE A 276 24.12 -6.61 4.86
C ILE A 276 25.04 -6.38 3.67
N ASN A 277 26.24 -6.97 3.68
CA ASN A 277 27.22 -6.78 2.63
C ASN A 277 27.21 -7.91 1.61
N TYR A 278 26.25 -8.82 1.68
CA TYR A 278 26.35 -10.09 0.98
C TYR A 278 25.90 -9.96 -0.47
N ILE A 279 26.84 -10.12 -1.39
CA ILE A 279 26.55 -10.33 -2.81
C ILE A 279 27.21 -11.65 -3.19
N PRO A 280 26.49 -12.58 -3.81
CA PRO A 280 27.09 -13.88 -4.12
C PRO A 280 28.10 -13.78 -5.25
N GLU A 281 29.15 -14.59 -5.13
CA GLU A 281 30.21 -14.61 -6.13
C GLU A 281 29.86 -15.64 -7.20
N THR A 282 29.63 -15.16 -8.42
CA THR A 282 29.15 -16.01 -9.49
C THR A 282 30.12 -16.12 -10.67
N VAL A 283 31.25 -15.45 -10.63
CA VAL A 283 32.31 -15.61 -11.63
C VAL A 283 33.38 -16.48 -10.98
N LYS A 284 33.34 -17.77 -11.27
CA LYS A 284 34.17 -18.76 -10.63
C LYS A 284 34.50 -19.87 -11.60
N PRO A 285 35.78 -20.23 -11.77
CA PRO A 285 36.12 -21.41 -12.55
C PRO A 285 35.73 -22.69 -11.84
N ASP B 1 14.01 31.12 2.33
CA ASP B 1 13.50 29.92 1.67
C ASP B 1 12.88 28.98 2.69
N ARG B 2 13.47 28.92 3.88
CA ARG B 2 13.00 28.05 4.93
C ARG B 2 11.95 28.70 5.83
N VAL B 3 11.83 30.01 5.81
CA VAL B 3 10.82 30.70 6.59
C VAL B 3 9.48 30.50 5.91
N ARG B 4 8.41 30.53 6.70
CA ARG B 4 7.07 30.41 6.14
C ARG B 4 6.06 30.84 7.18
N SER B 5 4.90 31.28 6.71
CA SER B 5 3.80 31.69 7.55
C SER B 5 2.52 31.26 6.90
N ILE B 6 1.59 30.74 7.70
CA ILE B 6 0.31 30.25 7.22
C ILE B 6 -0.77 30.93 8.05
N THR B 7 -1.57 31.77 7.42
CA THR B 7 -2.61 32.54 8.10
C THR B 7 -3.97 32.01 7.72
N LEU B 8 -4.65 31.37 8.66
CA LEU B 8 -5.99 30.84 8.42
C LEU B 8 -6.89 31.32 9.53
N GLY B 9 -7.99 31.96 9.15
CA GLY B 9 -8.90 32.47 10.15
C GLY B 9 -8.20 33.48 11.03
N ASN B 10 -8.46 33.38 12.33
CA ASN B 10 -7.76 34.18 13.31
C ASN B 10 -6.57 33.47 13.89
N SER B 11 -5.89 32.65 13.10
CA SER B 11 -4.76 31.89 13.58
C SER B 11 -3.61 31.97 12.58
N THR B 12 -2.40 32.00 13.11
CA THR B 12 -1.20 32.08 12.28
C THR B 12 -0.21 31.03 12.73
N ILE B 13 0.58 30.53 11.80
CA ILE B 13 1.69 29.64 12.09
C ILE B 13 2.95 30.19 11.47
N THR B 14 3.97 30.39 12.30
CA THR B 14 5.29 30.81 11.88
C THR B 14 6.23 29.63 11.92
N THR B 15 7.14 29.56 10.95
CA THR B 15 8.14 28.49 10.97
C THR B 15 9.40 28.98 10.28
N GLN B 16 10.53 28.46 10.73
CA GLN B 16 11.83 28.93 10.26
C GLN B 16 12.73 27.83 9.74
N GLU B 17 12.31 26.57 9.78
CA GLU B 17 13.08 25.47 9.23
C GLU B 17 12.16 24.53 8.48
N SER B 18 11.26 25.09 7.68
CA SER B 18 10.36 24.29 6.89
C SER B 18 11.04 23.82 5.62
N ALA B 19 10.77 22.59 5.22
CA ALA B 19 11.32 22.10 3.96
C ALA B 19 10.53 22.65 2.77
N ASN B 20 9.26 22.31 2.69
CA ASN B 20 8.40 22.76 1.61
C ASN B 20 6.97 22.56 2.07
N VAL B 21 6.03 22.64 1.15
CA VAL B 21 4.63 22.33 1.46
C VAL B 21 4.14 21.32 0.44
N VAL B 22 3.86 20.10 0.90
CA VAL B 22 3.18 19.14 0.04
C VAL B 22 1.75 19.58 -0.14
N VAL B 23 1.35 19.82 -1.37
CA VAL B 23 -0.05 19.94 -1.75
C VAL B 23 -0.43 18.60 -2.33
N ALA B 24 -1.43 17.96 -1.73
CA ALA B 24 -1.58 16.50 -1.79
C ALA B 24 -1.30 15.91 -3.15
N TYR B 25 -2.11 16.23 -4.13
CA TYR B 25 -1.91 15.74 -5.48
C TYR B 25 -1.85 16.91 -6.44
N GLY B 26 -1.13 17.95 -6.06
CA GLY B 26 -1.15 19.18 -6.80
C GLY B 26 -2.45 19.94 -6.69
N ARG B 27 -3.33 19.53 -5.78
CA ARG B 27 -4.70 20.00 -5.75
C ARG B 27 -4.97 20.70 -4.43
N TRP B 28 -5.60 21.85 -4.50
CA TRP B 28 -5.96 22.69 -3.38
C TRP B 28 -7.42 22.49 -3.01
N PRO B 29 -7.76 22.67 -1.74
CA PRO B 29 -9.16 22.57 -1.34
C PRO B 29 -10.01 23.61 -2.03
N GLU B 30 -11.23 23.22 -2.39
CA GLU B 30 -12.14 24.09 -3.11
C GLU B 30 -13.56 23.77 -2.69
N TYR B 31 -14.48 24.64 -3.06
CA TYR B 31 -15.88 24.44 -2.70
C TYR B 31 -16.55 23.54 -3.73
N LEU B 32 -17.65 22.93 -3.32
CA LEU B 32 -18.41 22.10 -4.24
C LEU B 32 -19.08 22.98 -5.28
N LYS B 33 -18.78 22.73 -6.56
CA LYS B 33 -19.36 23.55 -7.61
C LYS B 33 -20.75 23.09 -7.94
N ASP B 34 -21.40 23.83 -8.84
CA ASP B 34 -22.83 23.64 -9.06
C ASP B 34 -23.13 22.40 -9.89
N ASN B 35 -22.19 21.90 -10.66
CA ASN B 35 -22.47 20.78 -11.54
C ASN B 35 -21.99 19.46 -10.98
N GLU B 36 -21.18 19.48 -9.93
CA GLU B 36 -20.78 18.26 -9.23
C GLU B 36 -21.56 18.06 -7.94
N ALA B 37 -22.54 18.91 -7.66
CA ALA B 37 -23.30 18.85 -6.43
C ALA B 37 -24.53 17.98 -6.59
N THR B 38 -24.99 17.43 -5.47
CA THR B 38 -26.14 16.55 -5.44
C THR B 38 -27.21 16.94 -4.43
N ALA B 39 -26.89 17.72 -3.40
CA ALA B 39 -27.87 18.09 -2.41
C ALA B 39 -28.56 19.39 -2.81
N GLU B 40 -29.86 19.49 -2.55
CA GLU B 40 -30.65 20.59 -3.09
C GLU B 40 -30.50 21.87 -2.28
N ASP B 41 -30.40 21.78 -0.96
CA ASP B 41 -30.54 22.96 -0.14
C ASP B 41 -29.23 23.75 -0.08
N GLN B 42 -29.33 24.95 0.47
CA GLN B 42 -28.22 25.88 0.55
C GLN B 42 -27.28 25.47 1.66
N PRO B 43 -25.97 25.43 1.42
CA PRO B 43 -25.05 25.02 2.47
C PRO B 43 -24.64 26.18 3.37
N THR B 44 -24.29 25.83 4.59
CA THR B 44 -23.63 26.75 5.49
C THR B 44 -22.16 26.84 5.11
N GLN B 45 -21.60 28.04 5.18
CA GLN B 45 -20.17 28.23 4.94
C GLN B 45 -19.69 29.26 5.95
N PRO B 46 -19.22 28.81 7.11
CA PRO B 46 -18.89 29.76 8.18
C PRO B 46 -17.59 30.50 7.95
N ASP B 47 -16.58 29.83 7.38
CA ASP B 47 -15.43 30.43 6.71
C ASP B 47 -14.35 31.01 7.59
N VAL B 48 -14.64 31.41 8.82
CA VAL B 48 -13.56 31.95 9.64
C VAL B 48 -13.67 31.36 11.02
N ALA B 49 -14.88 30.89 11.36
CA ALA B 49 -15.08 30.23 12.63
C ALA B 49 -14.64 28.79 12.59
N THR B 50 -14.54 28.20 11.42
CA THR B 50 -14.22 26.80 11.29
C THR B 50 -12.94 26.52 10.53
N CYS B 51 -12.49 27.42 9.68
CA CYS B 51 -11.29 27.18 8.89
C CYS B 51 -10.08 27.85 9.54
N ARG B 52 -9.77 27.42 10.77
CA ARG B 52 -8.64 27.98 11.50
C ARG B 52 -7.83 26.84 12.09
N PHE B 53 -6.76 27.18 12.81
CA PHE B 53 -5.76 26.20 13.24
C PHE B 53 -6.11 25.65 14.62
N TYR B 54 -6.59 24.42 14.67
CA TYR B 54 -6.91 23.73 15.91
C TYR B 54 -5.75 22.83 16.29
N THR B 55 -5.26 22.97 17.52
CA THR B 55 -4.06 22.29 17.98
C THR B 55 -4.44 21.15 18.91
N LEU B 56 -4.02 19.94 18.57
CA LEU B 56 -4.28 18.77 19.39
C LEU B 56 -3.14 18.57 20.38
N GLU B 57 -3.43 17.89 21.48
CA GLU B 57 -2.43 17.68 22.50
C GLU B 57 -1.23 16.93 21.93
N SER B 58 -0.09 17.09 22.59
CA SER B 58 1.19 16.70 22.02
C SER B 58 1.72 15.43 22.66
N VAL B 59 2.51 14.69 21.88
CA VAL B 59 3.00 13.37 22.26
C VAL B 59 4.50 13.42 22.41
N THR B 60 5.03 12.56 23.28
CA THR B 60 6.42 12.58 23.66
C THR B 60 7.17 11.54 22.87
N TRP B 61 8.04 11.98 21.98
CA TRP B 61 8.89 11.11 21.18
C TRP B 61 9.96 10.51 22.07
N GLU B 62 9.79 9.26 22.45
CA GLU B 62 10.77 8.60 23.28
C GLU B 62 11.73 7.80 22.44
N ARG B 63 12.75 7.26 23.09
CA ARG B 63 13.79 6.57 22.34
C ARG B 63 13.27 5.30 21.70
N ASP B 64 12.32 4.64 22.33
CA ASP B 64 11.70 3.42 21.81
C ASP B 64 10.21 3.65 21.72
N SER B 65 9.78 4.29 20.65
CA SER B 65 8.38 4.63 20.51
C SER B 65 7.98 4.36 19.08
N PRO B 66 7.04 3.44 18.86
CA PRO B 66 6.78 2.99 17.50
C PRO B 66 6.18 4.05 16.60
N GLY B 67 5.11 4.70 17.01
CA GLY B 67 4.43 5.65 16.13
C GLY B 67 3.12 6.07 16.72
N TRP B 68 2.38 6.84 15.92
CA TRP B 68 1.09 7.39 16.34
C TRP B 68 0.20 7.55 15.12
N TRP B 69 -1.12 7.46 15.32
CA TRP B 69 -2.05 7.79 14.25
C TRP B 69 -3.29 8.48 14.79
N TRP B 70 -3.78 9.47 14.03
CA TRP B 70 -5.03 10.17 14.29
C TRP B 70 -5.96 9.97 13.09
N LYS B 71 -7.26 10.12 13.31
CA LYS B 71 -8.25 10.00 12.25
C LYS B 71 -9.03 11.29 12.08
N PHE B 72 -9.09 11.82 10.86
CA PHE B 72 -9.73 13.10 10.60
C PHE B 72 -10.88 12.86 9.63
N PRO B 73 -12.07 13.42 9.89
CA PRO B 73 -12.39 14.12 11.14
C PRO B 73 -12.59 13.09 12.24
N ASP B 74 -13.32 13.43 13.30
CA ASP B 74 -13.46 12.68 14.55
C ASP B 74 -12.27 12.98 15.43
N ALA B 75 -11.29 13.74 14.96
CA ALA B 75 -10.33 14.35 15.86
C ALA B 75 -10.72 15.77 16.22
N LEU B 76 -11.24 16.50 15.24
CA LEU B 76 -11.68 17.88 15.43
C LEU B 76 -13.16 17.98 15.77
N LYS B 77 -13.77 16.92 16.29
CA LYS B 77 -15.20 16.96 16.53
C LYS B 77 -15.54 17.65 17.83
N ASP B 78 -14.55 17.89 18.68
CA ASP B 78 -14.76 18.65 19.91
C ASP B 78 -13.93 19.92 19.89
N MET B 79 -13.74 20.49 18.72
CA MET B 79 -12.89 21.65 18.51
C MET B 79 -13.76 22.79 17.98
N GLY B 80 -14.33 23.57 18.90
CA GLY B 80 -14.86 24.86 18.50
C GLY B 80 -16.11 24.74 17.67
N LEU B 81 -16.19 25.58 16.64
CA LEU B 81 -17.35 25.63 15.75
C LEU B 81 -17.17 24.79 14.50
N PHE B 82 -16.10 24.02 14.41
CA PHE B 82 -16.05 22.92 13.47
C PHE B 82 -16.77 21.71 14.06
N GLY B 83 -16.45 21.39 15.30
CA GLY B 83 -17.08 20.30 15.97
C GLY B 83 -18.49 20.56 16.40
N GLN B 84 -19.09 21.68 16.00
CA GLN B 84 -20.48 21.96 16.35
C GLN B 84 -21.36 21.94 15.11
N ASN B 85 -20.99 22.69 14.09
CA ASN B 85 -21.59 22.48 12.77
C ASN B 85 -21.56 21.01 12.43
N MET B 86 -20.41 20.36 12.64
CA MET B 86 -20.29 18.93 12.37
C MET B 86 -21.31 18.11 13.14
N TYR B 87 -21.81 18.62 14.26
CA TYR B 87 -22.88 17.92 14.97
C TYR B 87 -24.24 18.20 14.37
N TYR B 88 -24.55 19.46 14.13
CA TYR B 88 -25.90 19.85 13.75
C TYR B 88 -26.24 19.53 12.30
N HIS B 89 -25.27 19.17 11.50
CA HIS B 89 -25.45 18.99 10.06
C HIS B 89 -25.26 17.53 9.68
N TYR B 90 -26.02 17.07 8.69
CA TYR B 90 -25.89 15.71 8.22
C TYR B 90 -24.65 15.53 7.37
N LEU B 91 -24.48 16.37 6.36
CA LEU B 91 -23.44 16.22 5.37
C LEU B 91 -22.39 17.30 5.58
N GLY B 92 -21.14 16.94 5.43
CA GLY B 92 -20.07 17.90 5.58
C GLY B 92 -18.98 17.65 4.57
N ARG B 93 -18.29 18.73 4.20
CA ARG B 93 -17.18 18.66 3.26
C ARG B 93 -16.14 19.66 3.73
N ALA B 94 -14.86 19.30 3.60
CA ALA B 94 -13.76 20.19 3.96
C ALA B 94 -12.44 19.54 3.58
N GLY B 95 -11.46 20.35 3.20
CA GLY B 95 -10.09 19.93 3.14
C GLY B 95 -9.37 20.40 4.38
N TYR B 96 -8.07 20.11 4.47
CA TYR B 96 -7.33 20.47 5.67
C TYR B 96 -5.93 20.95 5.33
N THR B 97 -5.27 21.51 6.35
CA THR B 97 -3.84 21.82 6.32
C THR B 97 -3.25 21.27 7.60
N ILE B 98 -2.43 20.24 7.50
CA ILE B 98 -1.84 19.59 8.66
C ILE B 98 -0.41 20.10 8.82
N HIS B 99 -0.12 20.70 9.97
CA HIS B 99 1.21 21.17 10.32
C HIS B 99 1.69 20.40 11.54
N VAL B 100 2.71 19.58 11.36
CA VAL B 100 3.32 18.80 12.43
C VAL B 100 4.61 19.48 12.84
N GLN B 101 4.81 19.66 14.14
CA GLN B 101 5.83 20.52 14.71
C GLN B 101 6.62 19.74 15.73
N CYS B 102 7.87 19.45 15.41
CA CYS B 102 8.75 18.76 16.34
C CYS B 102 10.13 19.34 16.18
N ASN B 103 10.67 19.88 17.26
CA ASN B 103 11.93 20.60 17.24
C ASN B 103 12.91 19.92 18.18
N ALA B 104 14.16 19.84 17.76
CA ALA B 104 15.22 19.35 18.59
C ALA B 104 16.44 20.22 18.34
N SER B 105 17.53 19.91 19.03
CA SER B 105 18.74 20.70 18.93
C SER B 105 19.58 20.21 17.78
N LYS B 106 20.85 20.63 17.74
CA LYS B 106 21.80 20.13 16.77
C LYS B 106 22.61 18.96 17.29
N PHE B 107 22.36 18.52 18.52
CA PHE B 107 23.03 17.35 19.06
C PHE B 107 22.11 16.16 19.14
N HIS B 108 20.87 16.30 18.69
CA HIS B 108 19.89 15.23 18.59
C HIS B 108 19.81 14.74 17.16
N GLN B 109 19.26 13.54 16.98
CA GLN B 109 19.09 12.97 15.65
C GLN B 109 17.85 12.10 15.60
N GLY B 110 17.24 12.02 14.43
CA GLY B 110 16.05 11.22 14.27
C GLY B 110 15.43 11.51 12.92
N CYS B 111 14.33 10.81 12.65
CA CYS B 111 13.64 10.94 11.37
C CYS B 111 12.23 10.41 11.52
N LEU B 112 11.25 11.29 11.42
CA LEU B 112 9.84 10.89 11.40
C LEU B 112 9.34 10.85 9.98
N MET B 113 8.38 9.98 9.73
CA MET B 113 7.54 10.06 8.55
C MET B 113 6.19 10.64 8.96
N VAL B 114 5.71 11.60 8.20
CA VAL B 114 4.42 12.24 8.43
C VAL B 114 3.61 11.98 7.18
N VAL B 115 2.57 11.15 7.28
CA VAL B 115 1.90 10.67 6.07
C VAL B 115 0.40 10.69 6.27
N CYS B 116 -0.31 11.26 5.31
CA CYS B 116 -1.76 11.25 5.28
C CYS B 116 -2.24 10.13 4.36
N VAL B 117 -3.13 9.29 4.86
CA VAL B 117 -3.61 8.08 4.20
C VAL B 117 -5.10 8.23 3.99
N PRO B 118 -5.59 8.29 2.75
CA PRO B 118 -7.04 8.28 2.55
C PRO B 118 -7.62 6.88 2.72
N GLU B 119 -8.75 6.79 3.43
CA GLU B 119 -9.47 5.54 3.64
C GLU B 119 -8.54 4.46 4.20
N ALA B 120 -8.01 4.70 5.39
CA ALA B 120 -6.98 3.82 5.93
C ALA B 120 -7.60 2.64 6.65
N GLU B 121 -8.49 1.93 5.96
CA GLU B 121 -9.21 0.82 6.59
C GLU B 121 -8.23 -0.13 7.26
N MET B 122 -8.50 -0.48 8.51
CA MET B 122 -7.54 -1.14 9.38
C MET B 122 -7.98 -2.55 9.76
N GLY B 123 -7.04 -3.32 10.27
CA GLY B 123 -7.24 -4.74 10.48
C GLY B 123 -7.12 -5.16 11.94
N CYS B 124 -8.14 -5.85 12.43
CA CYS B 124 -8.21 -6.26 13.83
C CYS B 124 -7.09 -7.22 14.17
N SER B 125 -6.92 -7.45 15.47
CA SER B 125 -5.83 -8.28 15.96
C SER B 125 -6.13 -9.76 15.81
N GLN B 126 -7.33 -10.17 16.21
CA GLN B 126 -7.84 -11.48 15.89
C GLN B 126 -8.32 -11.46 14.44
N VAL B 127 -7.70 -12.25 13.59
CA VAL B 127 -7.96 -12.15 12.16
C VAL B 127 -9.44 -12.35 11.86
N ASP B 128 -10.12 -13.16 12.68
CA ASP B 128 -11.55 -13.40 12.52
C ASP B 128 -12.34 -12.56 13.50
N GLY B 129 -12.25 -11.25 13.33
CA GLY B 129 -12.88 -10.37 14.29
C GLY B 129 -13.15 -9.02 13.69
N THR B 130 -13.65 -8.11 14.52
CA THR B 130 -14.09 -6.80 14.07
C THR B 130 -13.56 -5.73 15.01
N VAL B 131 -13.08 -4.64 14.43
CA VAL B 131 -12.59 -3.54 15.25
C VAL B 131 -13.75 -2.93 16.03
N ASN B 132 -13.38 -2.17 17.06
CA ASN B 132 -14.30 -1.23 17.68
C ASN B 132 -14.28 0.06 16.90
N GLU B 133 -14.96 1.06 17.44
CA GLU B 133 -14.65 2.43 17.03
C GLU B 133 -13.59 3.05 17.90
N HIS B 134 -13.58 2.75 19.19
CA HIS B 134 -12.51 3.25 20.02
C HIS B 134 -11.15 2.81 19.52
N SER B 135 -11.06 1.60 18.97
CA SER B 135 -9.80 1.07 18.49
C SER B 135 -9.32 1.72 17.21
N LEU B 136 -10.16 2.53 16.58
CA LEU B 136 -9.73 3.29 15.43
C LEU B 136 -9.39 4.73 15.75
N SER B 137 -9.93 5.27 16.84
CA SER B 137 -9.82 6.70 17.08
C SER B 137 -10.19 7.00 18.51
N GLU B 138 -9.35 7.78 19.19
CA GLU B 138 -9.61 8.23 20.53
C GLU B 138 -9.98 9.71 20.60
N GLY B 139 -10.18 10.32 19.46
CA GLY B 139 -10.46 11.75 19.41
C GLY B 139 -9.20 12.53 19.12
N GLU B 140 -8.73 13.28 20.10
CA GLU B 140 -7.49 14.02 19.99
C GLU B 140 -6.32 13.32 20.65
N THR B 141 -6.59 12.29 21.44
CA THR B 141 -5.54 11.44 21.95
C THR B 141 -5.14 10.45 20.86
N ALA B 142 -3.86 10.41 20.55
CA ALA B 142 -3.38 9.57 19.47
C ALA B 142 -3.42 8.11 19.88
N LYS B 143 -3.65 7.24 18.90
CA LYS B 143 -3.42 5.82 19.10
C LYS B 143 -1.99 5.51 18.74
N LYS B 144 -1.47 4.42 19.29
CA LYS B 144 -0.05 4.13 19.19
C LYS B 144 0.19 2.79 18.52
N PHE B 145 1.11 2.77 17.58
CA PHE B 145 1.54 1.50 17.03
C PHE B 145 2.27 0.70 18.10
N ALA B 146 2.73 -0.48 17.71
CA ALA B 146 3.45 -1.35 18.62
C ALA B 146 4.61 -2.00 17.90
N SER B 147 5.72 -2.12 18.61
CA SER B 147 6.92 -2.71 18.02
C SER B 147 6.81 -4.21 17.82
N THR B 148 5.75 -4.83 18.30
CA THR B 148 5.51 -6.25 18.10
C THR B 148 4.04 -6.46 17.75
N SER B 149 3.68 -7.68 17.40
CA SER B 149 2.32 -7.94 16.97
C SER B 149 1.38 -7.93 18.17
N THR B 150 0.30 -7.16 18.07
CA THR B 150 -0.58 -6.96 19.19
C THR B 150 -1.61 -8.06 19.28
N ASN B 151 -2.17 -8.23 20.48
CA ASN B 151 -3.22 -9.21 20.72
C ASN B 151 -4.45 -8.52 21.24
N GLY B 152 -5.41 -9.29 21.73
CA GLY B 152 -6.58 -8.67 22.32
C GLY B 152 -7.68 -8.42 21.32
N THR B 153 -8.91 -8.64 21.75
CA THR B 153 -10.07 -8.56 20.88
C THR B 153 -10.36 -7.12 20.52
N ASN B 154 -10.78 -6.90 19.27
CA ASN B 154 -11.29 -5.64 18.77
C ASN B 154 -10.24 -4.54 18.63
N THR B 155 -8.97 -4.82 18.88
CA THR B 155 -7.95 -3.78 18.83
C THR B 155 -7.09 -3.98 17.59
N VAL B 156 -6.86 -2.90 16.85
CA VAL B 156 -6.22 -3.01 15.55
C VAL B 156 -4.89 -3.71 15.67
N GLN B 157 -4.54 -4.50 14.67
CA GLN B 157 -3.23 -5.11 14.62
C GLN B 157 -2.24 -4.01 14.31
N SER B 158 -1.62 -3.45 15.34
CA SER B 158 -0.85 -2.23 15.20
C SER B 158 0.64 -2.48 15.34
N ILE B 159 1.16 -3.55 14.74
CA ILE B 159 2.60 -3.63 14.58
C ILE B 159 2.99 -2.60 13.54
N VAL B 160 4.09 -1.90 13.78
CA VAL B 160 4.40 -0.73 12.96
C VAL B 160 4.65 -1.13 11.53
N THR B 161 5.42 -2.20 11.34
CA THR B 161 5.95 -2.52 10.03
C THR B 161 4.85 -2.75 9.00
N ASN B 162 3.65 -3.11 9.43
CA ASN B 162 2.53 -3.24 8.52
C ASN B 162 1.60 -2.04 8.55
N ALA B 163 1.74 -1.16 9.54
CA ALA B 163 0.98 0.08 9.67
C ALA B 163 -0.50 -0.18 9.86
N GLY B 164 -0.88 -1.37 10.29
CA GLY B 164 -2.26 -1.65 10.56
C GLY B 164 -3.16 -1.81 9.36
N MET B 165 -2.63 -1.70 8.14
CA MET B 165 -3.43 -1.90 6.96
C MET B 165 -3.02 -3.10 6.13
N GLY B 166 -1.94 -3.79 6.50
CA GLY B 166 -1.53 -4.99 5.80
C GLY B 166 -0.56 -4.79 4.67
N VAL B 167 0.06 -3.61 4.58
CA VAL B 167 0.93 -3.25 3.48
C VAL B 167 2.32 -3.10 4.07
N GLY B 168 3.31 -2.71 3.26
CA GLY B 168 4.64 -2.45 3.79
C GLY B 168 4.76 -1.01 4.23
N VAL B 169 5.32 -0.80 5.42
CA VAL B 169 5.35 0.54 6.00
C VAL B 169 6.34 1.46 5.30
N GLY B 170 7.18 0.93 4.44
CA GLY B 170 8.03 1.79 3.65
C GLY B 170 7.45 2.25 2.35
N ASN B 171 6.41 1.58 1.87
CA ASN B 171 5.73 2.01 0.65
C ASN B 171 4.74 3.14 0.89
N LEU B 172 4.49 3.49 2.14
CA LEU B 172 3.59 4.59 2.44
C LEU B 172 4.02 5.90 1.77
N THR B 173 5.21 5.94 1.19
CA THR B 173 5.62 7.11 0.44
C THR B 173 4.78 7.35 -0.80
N ILE B 174 3.83 6.48 -1.12
CA ILE B 174 2.94 6.79 -2.24
C ILE B 174 1.89 7.81 -1.84
N PHE B 175 1.61 7.96 -0.56
CA PHE B 175 0.63 8.89 -0.05
C PHE B 175 1.26 10.25 0.17
N PRO B 176 0.49 11.32 0.30
CA PRO B 176 1.10 12.63 0.53
C PRO B 176 1.82 12.64 1.87
N HIS B 177 3.10 12.94 1.85
CA HIS B 177 3.90 12.77 3.05
C HIS B 177 5.04 13.77 3.09
N GLN B 178 5.68 13.83 4.23
CA GLN B 178 6.93 14.54 4.42
C GLN B 178 7.71 13.78 5.47
N TRP B 179 8.94 14.21 5.72
CA TRP B 179 9.72 13.67 6.80
C TRP B 179 10.11 14.81 7.73
N ILE B 180 10.41 14.47 8.96
CA ILE B 180 11.00 15.44 9.87
C ILE B 180 12.34 14.86 10.31
N ASN B 181 13.39 15.34 9.68
CA ASN B 181 14.75 14.88 9.91
C ASN B 181 15.40 15.90 10.83
N LEU B 182 15.60 15.52 12.09
CA LEU B 182 15.96 16.49 13.12
C LEU B 182 17.28 17.17 12.84
N ARG B 183 17.90 16.87 11.71
CA ARG B 183 19.09 17.59 11.30
C ARG B 183 18.81 18.67 10.28
N THR B 184 17.66 18.62 9.57
CA THR B 184 17.34 19.65 8.60
C THR B 184 16.10 20.46 8.98
N ASN B 185 14.93 19.84 9.14
CA ASN B 185 13.72 20.59 9.35
C ASN B 185 13.08 20.25 10.69
N ASN B 186 12.07 21.03 11.04
CA ASN B 186 11.37 20.78 12.30
C ASN B 186 9.87 20.96 12.18
N CYS B 187 9.31 20.74 10.99
CA CYS B 187 7.88 20.84 10.77
C CYS B 187 7.57 20.32 9.38
N ALA B 188 6.44 19.64 9.25
CA ALA B 188 5.93 19.17 7.98
C ALA B 188 4.53 19.70 7.75
N THR B 189 4.27 20.14 6.53
CA THR B 189 2.96 20.70 6.17
C THR B 189 2.41 19.91 4.99
N ILE B 190 1.19 19.44 5.11
CA ILE B 190 0.50 18.76 4.03
C ILE B 190 -0.86 19.42 3.85
N VAL B 191 -1.13 19.89 2.64
CA VAL B 191 -2.40 20.51 2.30
C VAL B 191 -3.23 19.44 1.59
N MET B 192 -4.37 19.09 2.17
CA MET B 192 -5.09 17.89 1.80
C MET B 192 -6.47 18.23 1.27
N PRO B 193 -6.74 18.12 -0.03
CA PRO B 193 -8.08 18.41 -0.52
C PRO B 193 -9.09 17.39 -0.06
N TYR B 194 -10.33 17.52 -0.53
CA TYR B 194 -11.37 16.58 -0.14
C TYR B 194 -11.34 15.40 -1.09
N ILE B 195 -10.73 14.31 -0.66
CA ILE B 195 -10.60 13.10 -1.47
C ILE B 195 -11.60 12.10 -0.94
N ASN B 196 -12.56 11.73 -1.79
CA ASN B 196 -13.68 10.85 -1.46
C ASN B 196 -14.46 10.68 -2.74
N ASN B 197 -15.29 9.63 -2.80
CA ASN B 197 -15.95 9.26 -4.03
C ASN B 197 -17.37 9.76 -4.14
N VAL B 198 -17.83 10.54 -3.18
CA VAL B 198 -19.15 11.19 -3.24
C VAL B 198 -18.89 12.67 -3.01
N PRO B 199 -19.72 13.57 -3.53
CA PRO B 199 -19.40 15.00 -3.36
C PRO B 199 -19.27 15.44 -1.91
N MET B 200 -20.28 15.20 -1.08
CA MET B 200 -20.22 15.46 0.35
C MET B 200 -20.51 14.17 1.08
N ASP B 201 -19.99 14.04 2.30
CA ASP B 201 -20.21 12.82 3.03
C ASP B 201 -20.28 13.13 4.51
N ASN B 202 -21.08 12.32 5.22
CA ASN B 202 -21.24 12.45 6.66
C ASN B 202 -19.89 12.46 7.35
N MET B 203 -19.85 13.06 8.54
CA MET B 203 -18.60 13.33 9.24
C MET B 203 -18.39 12.47 10.47
N PHE B 204 -19.43 11.83 10.99
CA PHE B 204 -19.29 10.92 12.11
C PHE B 204 -19.07 9.50 11.67
N ARG B 205 -19.57 9.13 10.50
CA ARG B 205 -19.52 7.77 10.03
C ARG B 205 -18.19 7.43 9.35
N HIS B 206 -17.65 8.35 8.56
CA HIS B 206 -16.51 8.06 7.70
C HIS B 206 -15.29 8.85 8.15
N HIS B 207 -14.23 8.14 8.54
CA HIS B 207 -12.93 8.75 8.84
C HIS B 207 -12.26 9.03 7.52
N ASN B 208 -12.42 10.27 7.04
CA ASN B 208 -12.03 10.58 5.67
C ASN B 208 -10.57 10.27 5.40
N PHE B 209 -9.69 10.48 6.39
CA PHE B 209 -8.29 10.10 6.23
C PHE B 209 -7.64 9.92 7.59
N THR B 210 -6.41 9.42 7.56
CA THR B 210 -5.64 9.05 8.74
C THR B 210 -4.26 9.68 8.67
N LEU B 211 -3.83 10.29 9.75
CA LEU B 211 -2.51 10.89 9.82
C LEU B 211 -1.63 9.98 10.66
N MET B 212 -0.59 9.42 10.06
CA MET B 212 0.34 8.55 10.75
C MET B 212 1.68 9.25 10.87
N ILE B 213 2.24 9.24 12.08
CA ILE B 213 3.57 9.75 12.36
C ILE B 213 4.40 8.59 12.84
N ILE B 214 5.40 8.20 12.06
CA ILE B 214 6.14 6.97 12.32
C ILE B 214 7.63 7.26 12.32
N PRO B 215 8.32 7.19 13.45
CA PRO B 215 9.76 7.38 13.42
C PRO B 215 10.49 6.22 12.80
N PHE B 216 11.10 6.44 11.64
CA PHE B 216 11.92 5.40 11.04
C PHE B 216 13.25 5.27 11.76
N VAL B 217 14.00 6.37 11.84
CA VAL B 217 15.23 6.44 12.61
C VAL B 217 14.88 7.02 13.97
N PRO B 218 15.21 6.35 15.07
CA PRO B 218 14.71 6.77 16.38
C PRO B 218 15.50 7.95 16.95
N LEU B 219 15.05 8.45 18.10
CA LEU B 219 15.81 9.47 18.79
C LEU B 219 17.16 8.96 19.22
N ASP B 220 18.03 9.91 19.57
CA ASP B 220 19.29 9.63 20.23
C ASP B 220 19.87 10.96 20.65
N TYR B 221 20.67 10.91 21.71
CA TYR B 221 21.40 12.07 22.21
C TYR B 221 22.49 11.55 23.14
N SER B 222 23.29 12.47 23.65
CA SER B 222 24.47 12.16 24.44
C SER B 222 24.37 12.90 25.76
N SER B 223 25.51 13.12 26.40
CA SER B 223 25.65 13.24 27.85
C SER B 223 24.47 13.89 28.56
N ASP B 224 24.13 15.13 28.26
CA ASP B 224 22.99 15.70 28.96
C ASP B 224 22.11 16.54 28.06
N SER B 225 22.00 16.16 26.79
CA SER B 225 21.05 16.79 25.92
C SER B 225 19.64 16.61 26.48
N SER B 226 18.70 17.40 25.97
CA SER B 226 17.36 17.41 26.55
C SER B 226 16.64 16.11 26.26
N THR B 227 16.21 15.43 27.31
CA THR B 227 15.56 14.14 27.21
C THR B 227 14.16 14.21 26.62
N TYR B 228 13.48 15.33 26.76
CA TYR B 228 12.08 15.44 26.40
C TYR B 228 11.95 16.11 25.05
N VAL B 229 11.46 15.36 24.06
CA VAL B 229 11.19 15.90 22.72
C VAL B 229 9.74 15.66 22.37
N PRO B 230 8.90 16.69 22.35
CA PRO B 230 7.48 16.49 22.06
C PRO B 230 7.15 16.73 20.60
N ILE B 231 6.02 16.21 20.15
CA ILE B 231 5.52 16.44 18.80
C ILE B 231 4.13 17.03 18.94
N THR B 232 3.87 18.11 18.21
CA THR B 232 2.57 18.77 18.27
C THR B 232 1.95 18.80 16.88
N VAL B 233 0.66 18.53 16.80
CA VAL B 233 -0.04 18.48 15.53
C VAL B 233 -1.10 19.57 15.51
N THR B 234 -1.15 20.33 14.42
CA THR B 234 -2.13 21.37 14.23
C THR B 234 -2.87 21.07 12.92
N VAL B 235 -4.19 21.12 12.94
CA VAL B 235 -4.96 20.87 11.73
C VAL B 235 -5.85 22.07 11.49
N ALA B 236 -5.99 22.45 10.23
CA ALA B 236 -6.87 23.57 9.96
C ALA B 236 -7.77 23.29 8.78
N PRO B 237 -9.06 23.17 8.98
CA PRO B 237 -9.96 22.95 7.84
C PRO B 237 -9.83 24.03 6.78
N MET B 238 -10.39 23.78 5.61
CA MET B 238 -10.30 24.72 4.50
C MET B 238 -11.45 24.43 3.56
N CYS B 239 -12.18 25.47 3.17
CA CYS B 239 -13.29 25.36 2.25
C CYS B 239 -14.35 24.40 2.78
N ALA B 240 -14.81 24.68 4.00
CA ALA B 240 -15.66 23.78 4.75
C ALA B 240 -17.12 24.13 4.55
N GLU B 241 -17.87 23.22 3.95
CA GLU B 241 -19.31 23.34 3.80
C GLU B 241 -20.00 22.32 4.69
N TYR B 242 -21.25 22.62 4.99
CA TYR B 242 -22.14 21.64 5.59
C TYR B 242 -23.50 21.80 4.96
N ASN B 243 -24.30 20.73 5.05
CA ASN B 243 -25.57 20.67 4.37
C ASN B 243 -26.44 19.72 5.17
N GLY B 244 -27.74 19.91 5.11
CA GLY B 244 -28.64 19.03 5.82
C GLY B 244 -28.66 19.26 7.31
N LEU B 245 -29.23 20.37 7.76
CA LEU B 245 -29.27 20.70 9.17
C LEU B 245 -30.45 20.04 9.87
N ARG B 246 -30.23 19.59 11.09
CA ARG B 246 -31.31 19.12 11.96
C ARG B 246 -30.78 19.11 13.39
N LEU B 247 -31.53 18.49 14.30
CA LEU B 247 -31.08 18.44 15.69
C LEU B 247 -29.74 17.73 15.81
N ALA B 248 -29.05 17.99 16.91
CA ALA B 248 -27.67 17.55 17.05
C ALA B 248 -27.58 16.06 17.33
N THR B 249 -26.61 15.41 16.70
CA THR B 249 -26.30 14.01 16.93
C THR B 249 -25.90 13.81 18.38
N SER B 250 -25.75 12.56 18.78
CA SER B 250 -25.25 12.22 20.09
C SER B 250 -24.59 10.85 20.01
N LEU B 251 -23.51 10.67 20.77
CA LEU B 251 -22.82 9.40 20.80
C LEU B 251 -22.65 8.88 22.22
N GLY C 1 -28.94 -16.33 -46.82
CA GLY C 1 -28.19 -15.18 -46.34
C GLY C 1 -26.74 -15.25 -46.79
N LEU C 2 -25.92 -14.38 -46.23
CA LEU C 2 -24.52 -14.29 -46.61
C LEU C 2 -23.85 -15.63 -46.37
N PRO C 3 -23.02 -16.13 -47.28
CA PRO C 3 -22.25 -17.33 -46.98
C PRO C 3 -21.00 -17.00 -46.19
N VAL C 4 -20.95 -17.42 -44.93
CA VAL C 4 -19.80 -17.20 -44.09
C VAL C 4 -19.07 -18.53 -43.94
N MET C 5 -17.88 -18.47 -43.36
CA MET C 5 -17.05 -19.65 -43.16
C MET C 5 -16.20 -19.43 -41.93
N ASN C 6 -16.31 -20.30 -40.94
CA ASN C 6 -15.70 -20.10 -39.65
C ASN C 6 -14.25 -20.57 -39.65
N THR C 7 -13.38 -19.71 -39.23
CA THR C 7 -11.94 -19.96 -39.14
C THR C 7 -11.61 -20.59 -37.81
N PRO C 8 -10.42 -21.19 -37.67
CA PRO C 8 -10.01 -21.70 -36.36
C PRO C 8 -9.97 -20.60 -35.33
N GLY C 9 -10.04 -20.98 -34.08
CA GLY C 9 -10.20 -20.01 -33.04
C GLY C 9 -11.61 -19.53 -32.85
N SER C 10 -12.57 -20.22 -33.43
CA SER C 10 -13.97 -19.88 -33.23
C SER C 10 -14.47 -20.50 -31.94
N ASN C 11 -15.40 -19.80 -31.29
CA ASN C 11 -16.10 -20.32 -30.12
C ASN C 11 -15.15 -20.61 -28.96
N GLN C 12 -14.03 -19.92 -28.89
CA GLN C 12 -13.11 -20.04 -27.78
C GLN C 12 -13.23 -18.81 -26.90
N PHE C 13 -12.70 -18.90 -25.70
CA PHE C 13 -12.70 -17.80 -24.75
C PHE C 13 -11.25 -17.48 -24.43
N LEU C 14 -10.70 -16.48 -25.11
CA LEU C 14 -9.35 -16.03 -24.85
C LEU C 14 -9.42 -14.92 -23.81
N THR C 15 -8.73 -15.11 -22.71
CA THR C 15 -8.85 -14.19 -21.58
C THR C 15 -8.55 -12.75 -21.95
N SER C 16 -7.62 -12.50 -22.87
CA SER C 16 -7.15 -11.16 -23.17
C SER C 16 -7.61 -10.66 -24.52
N ASP C 17 -8.86 -10.91 -24.88
CA ASP C 17 -9.45 -10.39 -26.11
C ASP C 17 -10.47 -9.29 -25.80
N ASP C 18 -10.60 -8.34 -26.72
CA ASP C 18 -11.53 -7.24 -26.54
C ASP C 18 -12.47 -7.18 -27.74
N PHE C 19 -13.63 -7.80 -27.60
CA PHE C 19 -14.72 -7.69 -28.54
C PHE C 19 -15.86 -6.91 -27.89
N GLN C 20 -16.84 -6.57 -28.71
CA GLN C 20 -18.05 -5.97 -28.19
C GLN C 20 -18.97 -7.06 -27.68
N SER C 21 -19.94 -6.66 -26.87
CA SER C 21 -20.76 -7.65 -26.18
C SER C 21 -22.05 -7.00 -25.73
N PRO C 22 -23.17 -7.69 -25.75
CA PRO C 22 -24.44 -7.04 -25.46
C PRO C 22 -24.49 -6.51 -24.04
N SER C 23 -25.03 -5.32 -23.88
CA SER C 23 -25.26 -4.75 -22.56
C SER C 23 -26.42 -5.47 -21.91
N ALA C 24 -26.24 -5.92 -20.68
CA ALA C 24 -27.33 -6.56 -19.96
C ALA C 24 -28.26 -5.56 -19.29
N MET C 25 -27.91 -4.28 -19.28
CA MET C 25 -28.73 -3.22 -18.68
C MET C 25 -28.85 -2.09 -19.70
N PRO C 26 -29.72 -2.24 -20.69
CA PRO C 26 -29.78 -1.25 -21.76
C PRO C 26 -30.34 0.08 -21.29
N GLN C 27 -29.81 1.15 -21.88
CA GLN C 27 -30.21 2.51 -21.56
C GLN C 27 -30.04 2.81 -20.08
N PHE C 28 -28.99 2.26 -19.48
CA PHE C 28 -28.62 2.63 -18.13
C PHE C 28 -28.07 4.05 -18.12
N ASP C 29 -28.24 4.73 -17.00
CA ASP C 29 -27.81 6.13 -16.87
C ASP C 29 -26.79 6.21 -15.74
N VAL C 30 -25.50 6.21 -16.10
CA VAL C 30 -24.44 6.09 -15.12
C VAL C 30 -24.32 7.38 -14.31
N THR C 31 -23.68 7.27 -13.16
CA THR C 31 -23.53 8.41 -12.27
C THR C 31 -22.50 9.39 -12.83
N PRO C 32 -22.79 10.69 -12.82
CA PRO C 32 -21.86 11.66 -13.40
C PRO C 32 -20.48 11.52 -12.78
N GLU C 33 -19.45 11.75 -13.60
CA GLU C 33 -18.09 11.64 -13.11
C GLU C 33 -17.80 12.68 -12.05
N LEU C 34 -16.74 12.44 -11.29
CA LEU C 34 -16.32 13.34 -10.23
C LEU C 34 -14.82 13.55 -10.37
N ASN C 35 -14.39 14.80 -10.30
CA ASN C 35 -12.98 15.13 -10.41
C ASN C 35 -12.29 14.84 -9.08
N ILE C 36 -12.35 13.57 -8.68
CA ILE C 36 -11.64 13.13 -7.48
C ILE C 36 -10.16 13.38 -7.66
N PRO C 37 -9.44 13.85 -6.65
CA PRO C 37 -8.01 14.10 -6.83
C PRO C 37 -7.22 12.82 -6.97
N GLY C 38 -6.08 12.93 -7.65
CA GLY C 38 -5.09 11.88 -7.64
C GLY C 38 -5.38 10.70 -8.55
N GLU C 39 -5.59 10.96 -9.83
CA GLU C 39 -5.95 9.91 -10.78
C GLU C 39 -4.71 9.32 -11.42
N VAL C 40 -4.63 8.02 -11.44
CA VAL C 40 -3.52 7.31 -12.05
C VAL C 40 -3.87 7.03 -13.50
N GLN C 41 -2.90 7.19 -14.39
CA GLN C 41 -3.10 6.95 -15.80
C GLN C 41 -2.07 6.02 -16.40
N ASN C 42 -1.19 5.46 -15.58
CA ASN C 42 -0.13 4.56 -15.98
C ASN C 42 0.42 3.96 -14.70
N LEU C 43 1.12 2.86 -14.83
CA LEU C 43 1.69 2.24 -13.65
C LEU C 43 3.11 2.67 -13.38
N MET C 44 3.76 3.20 -14.36
CA MET C 44 5.08 3.77 -14.21
C MET C 44 5.04 5.11 -13.63
N GLU C 45 3.90 5.49 -13.07
CA GLU C 45 3.80 6.64 -12.19
C GLU C 45 3.80 6.24 -10.74
N ILE C 46 3.49 4.99 -10.44
CA ILE C 46 3.62 4.44 -9.10
C ILE C 46 5.03 3.93 -8.87
N ALA C 47 5.77 3.67 -9.93
CA ALA C 47 7.14 3.17 -9.84
C ALA C 47 8.18 4.26 -9.99
N GLU C 48 7.79 5.51 -10.15
CA GLU C 48 8.71 6.62 -10.11
C GLU C 48 8.62 7.36 -8.80
N VAL C 49 7.98 6.79 -7.81
CA VAL C 49 7.87 7.37 -6.49
C VAL C 49 8.88 6.68 -5.60
N ASP C 50 9.57 7.45 -4.76
CA ASP C 50 10.53 6.90 -3.83
C ASP C 50 9.88 5.85 -2.94
N SER C 51 10.67 4.92 -2.44
CA SER C 51 10.19 3.92 -1.50
C SER C 51 11.35 3.49 -0.63
N VAL C 52 11.17 3.48 0.68
CA VAL C 52 12.26 3.10 1.56
C VAL C 52 12.59 1.64 1.29
N VAL C 53 13.88 1.34 1.21
CA VAL C 53 14.38 0.04 0.76
C VAL C 53 14.86 -0.74 1.97
N PRO C 54 14.35 -1.92 2.22
CA PRO C 54 14.82 -2.72 3.34
C PRO C 54 16.19 -3.34 3.07
N VAL C 55 17.24 -2.53 3.22
CA VAL C 55 18.58 -3.03 2.90
C VAL C 55 19.05 -3.96 4.00
N ASN C 56 18.92 -3.55 5.25
CA ASN C 56 19.44 -4.30 6.38
C ASN C 56 18.54 -5.47 6.70
N ASN C 57 18.25 -6.32 5.72
CA ASN C 57 17.32 -7.43 5.94
C ASN C 57 18.07 -8.70 6.34
N VAL C 58 18.92 -8.54 7.32
CA VAL C 58 19.54 -9.68 7.97
C VAL C 58 18.49 -10.35 8.83
N GLU C 59 18.80 -11.54 9.31
CA GLU C 59 17.81 -12.25 10.11
C GLU C 59 17.78 -11.68 11.51
N GLY C 60 16.60 -11.68 12.12
CA GLY C 60 16.39 -11.04 13.40
C GLY C 60 15.92 -9.61 13.32
N LYS C 61 15.89 -9.03 12.12
CA LYS C 61 15.50 -7.64 11.93
C LYS C 61 14.47 -7.49 10.83
N LEU C 62 13.79 -8.57 10.46
CA LEU C 62 12.91 -8.53 9.30
C LEU C 62 11.53 -8.00 9.61
N ASP C 63 11.08 -8.07 10.86
CA ASP C 63 9.83 -7.48 11.29
C ASP C 63 10.06 -6.27 12.17
N THR C 64 11.21 -5.63 12.03
CA THR C 64 11.58 -4.45 12.80
C THR C 64 11.76 -3.31 11.84
N MET C 65 11.50 -2.08 12.30
CA MET C 65 11.83 -0.94 11.45
C MET C 65 13.31 -0.83 11.22
N GLU C 66 14.10 -1.53 12.03
CA GLU C 66 15.54 -1.57 11.87
C GLU C 66 15.96 -2.13 10.53
N ILE C 67 15.07 -2.85 9.85
CA ILE C 67 15.38 -3.35 8.52
C ILE C 67 15.60 -2.23 7.55
N TYR C 68 15.13 -1.04 7.85
CA TYR C 68 15.15 0.01 6.86
C TYR C 68 16.38 0.88 6.91
N ARG C 69 17.17 0.80 7.97
CA ARG C 69 18.22 1.78 8.21
C ARG C 69 19.59 1.10 8.25
N ILE C 70 20.54 1.72 7.55
CA ILE C 70 21.91 1.23 7.44
C ILE C 70 22.75 1.83 8.56
N PRO C 71 23.43 1.02 9.37
CA PRO C 71 24.20 1.58 10.48
C PRO C 71 25.53 2.14 10.02
N VAL C 72 25.91 3.28 10.60
CA VAL C 72 27.13 3.98 10.24
C VAL C 72 27.71 4.60 11.49
N GLN C 73 29.00 4.44 11.72
CA GLN C 73 29.57 4.97 12.95
C GLN C 73 30.89 5.66 12.71
N SER C 74 31.39 6.28 13.77
CA SER C 74 32.58 7.11 13.71
C SER C 74 33.76 6.39 14.33
N GLY C 75 34.93 6.60 13.72
CA GLY C 75 36.13 5.85 14.02
C GLY C 75 36.78 5.38 12.76
N ASN C 76 37.87 4.61 12.93
CA ASN C 76 38.63 4.14 11.79
C ASN C 76 37.99 2.86 11.28
N HIS C 77 36.93 3.02 10.51
CA HIS C 77 36.20 1.91 9.91
C HIS C 77 36.31 1.94 8.41
N GLN C 78 37.45 2.38 7.89
CA GLN C 78 37.58 2.49 6.44
C GLN C 78 37.76 1.13 5.79
N SER C 79 38.22 0.13 6.54
CA SER C 79 38.35 -1.21 6.00
C SER C 79 37.01 -1.91 5.81
N SER C 80 35.98 -1.47 6.52
CA SER C 80 34.68 -2.14 6.52
C SER C 80 33.81 -1.60 5.39
N GLN C 81 33.01 -2.48 4.81
CA GLN C 81 32.05 -2.08 3.80
C GLN C 81 30.75 -1.71 4.47
N VAL C 82 30.17 -0.56 4.09
CA VAL C 82 28.92 -0.14 4.72
C VAL C 82 27.80 -1.08 4.32
N PHE C 83 27.46 -1.11 3.04
CA PHE C 83 26.47 -2.04 2.53
C PHE C 83 26.84 -2.44 1.12
N GLY C 84 26.05 -3.34 0.56
CA GLY C 84 26.21 -3.78 -0.79
C GLY C 84 25.09 -4.72 -1.14
N PHE C 85 24.58 -4.63 -2.36
CA PHE C 85 23.48 -5.49 -2.75
C PHE C 85 23.40 -5.55 -4.27
N GLN C 86 22.92 -6.67 -4.77
CA GLN C 86 22.76 -6.85 -6.19
C GLN C 86 21.70 -5.90 -6.72
N VAL C 87 21.77 -5.62 -8.01
CA VAL C 87 20.75 -4.85 -8.69
C VAL C 87 19.83 -5.88 -9.34
N GLN C 88 18.70 -6.13 -8.71
CA GLN C 88 17.69 -7.07 -9.20
C GLN C 88 16.33 -6.57 -8.78
N PRO C 89 15.83 -5.52 -9.40
CA PRO C 89 14.65 -4.84 -8.86
C PRO C 89 13.37 -5.66 -8.83
N GLY C 90 13.43 -6.92 -9.20
CA GLY C 90 12.22 -7.72 -9.14
C GLY C 90 12.42 -9.03 -8.44
N LEU C 91 13.66 -9.35 -8.09
CA LEU C 91 13.97 -10.67 -7.57
C LEU C 91 14.76 -10.61 -6.27
N ASP C 92 15.56 -9.58 -6.06
CA ASP C 92 16.36 -9.49 -4.87
C ASP C 92 15.47 -9.13 -3.69
N ASN C 93 15.62 -9.86 -2.58
CA ASN C 93 14.77 -9.61 -1.42
C ASN C 93 14.82 -8.17 -0.99
N VAL C 94 15.92 -7.47 -1.28
CA VAL C 94 16.04 -6.07 -0.94
C VAL C 94 15.04 -5.24 -1.73
N PHE C 95 14.77 -5.62 -2.97
CA PHE C 95 13.95 -4.82 -3.87
C PHE C 95 12.56 -5.38 -4.12
N LYS C 96 12.38 -6.69 -4.03
CA LYS C 96 11.17 -7.25 -4.63
C LYS C 96 9.91 -6.80 -3.95
N HIS C 97 10.00 -6.08 -2.84
CA HIS C 97 8.81 -5.64 -2.11
C HIS C 97 8.69 -4.14 -2.02
N THR C 98 9.47 -3.38 -2.78
CA THR C 98 9.31 -1.95 -2.87
C THR C 98 8.10 -1.62 -3.75
N LEU C 99 7.87 -0.35 -4.02
CA LEU C 99 6.88 0.00 -5.04
C LEU C 99 7.39 -0.38 -6.42
N LEU C 100 8.67 -0.07 -6.70
CA LEU C 100 9.30 -0.51 -7.93
C LEU C 100 9.21 -2.02 -8.08
N GLY C 101 9.58 -2.76 -7.04
CA GLY C 101 9.58 -4.21 -7.16
C GLY C 101 8.18 -4.81 -7.27
N GLU C 102 7.25 -4.34 -6.46
CA GLU C 102 5.89 -4.87 -6.51
C GLU C 102 5.16 -4.47 -7.78
N ILE C 103 5.60 -3.42 -8.45
CA ILE C 103 5.02 -3.05 -9.75
C ILE C 103 5.66 -3.85 -10.86
N LEU C 104 6.97 -4.07 -10.79
CA LEU C 104 7.63 -4.95 -11.73
C LEU C 104 7.09 -6.35 -11.70
N ASN C 105 6.83 -6.90 -10.52
CA ASN C 105 6.46 -8.32 -10.43
C ASN C 105 5.13 -8.64 -11.07
N TYR C 106 4.48 -7.69 -11.71
CA TYR C 106 3.33 -7.96 -12.55
C TYR C 106 3.71 -8.01 -14.02
N TYR C 107 5.00 -7.89 -14.33
CA TYR C 107 5.50 -7.86 -15.69
C TYR C 107 6.67 -8.82 -15.79
N ALA C 108 7.12 -9.07 -17.02
CA ALA C 108 8.15 -10.07 -17.25
C ALA C 108 9.45 -9.53 -17.80
N HIS C 109 9.44 -8.34 -18.44
CA HIS C 109 10.64 -7.68 -18.89
C HIS C 109 10.66 -6.27 -18.33
N TRP C 110 11.87 -5.75 -18.11
CA TRP C 110 12.01 -4.38 -17.63
C TRP C 110 13.27 -3.76 -18.19
N SER C 111 13.15 -2.55 -18.70
CA SER C 111 14.31 -1.78 -19.12
C SER C 111 14.23 -0.41 -18.51
N GLY C 112 15.35 0.30 -18.51
CA GLY C 112 15.44 1.61 -17.93
C GLY C 112 16.49 1.65 -16.86
N SER C 113 16.67 2.83 -16.29
CA SER C 113 17.65 3.08 -15.24
C SER C 113 16.94 3.38 -13.93
N ILE C 114 17.69 3.30 -12.83
CA ILE C 114 17.10 3.38 -11.49
C ILE C 114 17.77 4.51 -10.73
N LYS C 115 17.06 5.08 -9.75
CA LYS C 115 17.58 6.16 -8.93
C LYS C 115 17.53 5.72 -7.49
N LEU C 116 18.68 5.66 -6.83
CA LEU C 116 18.76 5.30 -5.42
C LEU C 116 19.19 6.54 -4.66
N THR C 117 18.32 7.04 -3.80
CA THR C 117 18.56 8.28 -3.08
C THR C 117 18.85 7.97 -1.63
N PHE C 118 19.99 8.41 -1.13
CA PHE C 118 20.41 8.11 0.22
C PHE C 118 20.25 9.31 1.12
N VAL C 119 19.79 9.07 2.34
CA VAL C 119 19.42 10.10 3.29
C VAL C 119 20.26 9.89 4.54
N PHE C 120 21.16 10.81 4.86
CA PHE C 120 21.89 10.71 6.11
C PHE C 120 21.03 11.17 7.27
N CYS C 121 20.87 10.31 8.25
CA CYS C 121 19.91 10.54 9.33
C CYS C 121 20.60 10.59 10.68
N GLY C 122 21.68 11.36 10.79
CA GLY C 122 22.38 11.57 12.02
C GLY C 122 22.28 13.00 12.50
N SER C 123 23.21 13.37 13.38
CA SER C 123 23.18 14.68 14.00
C SER C 123 23.25 15.78 12.95
N ALA C 124 22.97 16.99 13.37
CA ALA C 124 23.21 18.14 12.51
C ALA C 124 24.64 18.60 12.57
N MET C 125 25.48 17.93 13.34
CA MET C 125 26.88 18.28 13.50
C MET C 125 27.83 17.17 13.10
N ALA C 126 27.33 15.99 12.76
CA ALA C 126 28.17 14.92 12.25
C ALA C 126 28.52 15.19 10.80
N THR C 127 29.75 14.87 10.41
CA THR C 127 30.16 15.11 9.03
C THR C 127 30.92 13.91 8.48
N GLY C 128 30.57 13.50 7.27
CA GLY C 128 31.30 12.44 6.61
C GLY C 128 31.12 12.49 5.12
N LYS C 129 31.99 11.77 4.43
CA LYS C 129 31.89 11.61 2.98
C LYS C 129 31.82 10.13 2.67
N PHE C 130 30.99 9.76 1.71
CA PHE C 130 30.76 8.36 1.39
C PHE C 130 30.97 8.13 -0.09
N LEU C 131 31.36 6.91 -0.45
CA LEU C 131 31.53 6.52 -1.84
C LEU C 131 30.47 5.49 -2.18
N LEU C 132 29.70 5.73 -3.25
CA LEU C 132 28.60 4.88 -3.65
C LEU C 132 28.85 4.45 -5.08
N ALA C 133 29.09 3.16 -5.30
CA ALA C 133 29.59 2.70 -6.60
C ALA C 133 28.73 1.58 -7.16
N TYR C 134 28.53 1.60 -8.48
CA TYR C 134 27.79 0.59 -9.20
C TYR C 134 28.75 -0.08 -10.18
N ALA C 135 28.72 -1.40 -10.23
CA ALA C 135 29.67 -2.15 -11.05
C ALA C 135 28.94 -2.98 -12.07
N PRO C 136 28.95 -2.62 -13.35
CA PRO C 136 28.29 -3.42 -14.35
C PRO C 136 28.83 -4.84 -14.33
N PRO C 137 28.00 -5.83 -14.63
CA PRO C 137 28.37 -7.21 -14.35
C PRO C 137 29.49 -7.68 -15.25
N GLY C 138 30.16 -8.73 -14.80
CA GLY C 138 31.30 -9.25 -15.51
C GLY C 138 32.38 -9.74 -14.59
N ALA C 139 32.27 -9.40 -13.30
CA ALA C 139 33.32 -9.74 -12.36
C ALA C 139 32.74 -9.65 -10.96
N ASN C 140 33.29 -10.46 -10.06
CA ASN C 140 32.78 -10.56 -8.70
C ASN C 140 32.70 -9.19 -8.05
N ALA C 141 31.83 -9.08 -7.06
CA ALA C 141 31.65 -7.82 -6.36
C ALA C 141 32.98 -7.31 -5.83
N PRO C 142 33.21 -6.00 -5.86
CA PRO C 142 34.44 -5.46 -5.27
C PRO C 142 34.51 -5.71 -3.79
N LYS C 143 35.71 -6.05 -3.31
CA LYS C 143 35.96 -6.30 -1.91
C LYS C 143 36.84 -5.26 -1.27
N SER C 144 37.15 -4.17 -1.98
CA SER C 144 37.95 -3.09 -1.42
C SER C 144 37.59 -1.82 -2.15
N ARG C 145 37.83 -0.67 -1.51
CA ARG C 145 37.43 0.58 -2.10
C ARG C 145 38.29 0.94 -3.30
N LYS C 146 39.45 0.33 -3.45
CA LYS C 146 40.24 0.55 -4.64
C LYS C 146 39.62 -0.09 -5.87
N ASP C 147 38.80 -1.12 -5.70
CA ASP C 147 38.05 -1.71 -6.79
C ASP C 147 36.72 -1.02 -7.01
N ALA C 148 36.01 -0.68 -5.94
CA ALA C 148 34.77 0.07 -6.09
C ALA C 148 35.03 1.43 -6.71
N MET C 149 36.18 2.02 -6.43
CA MET C 149 36.60 3.26 -7.05
C MET C 149 36.59 3.19 -8.56
N LEU C 150 36.78 2.01 -9.15
CA LEU C 150 36.87 1.87 -10.59
C LEU C 150 35.52 1.78 -11.27
N GLY C 151 34.43 1.69 -10.51
CA GLY C 151 33.14 1.48 -11.12
C GLY C 151 32.51 2.74 -11.68
N THR C 152 31.20 2.86 -11.53
CA THR C 152 30.44 4.05 -11.84
C THR C 152 30.00 4.58 -10.49
N HIS C 153 30.70 5.57 -9.97
CA HIS C 153 30.48 5.90 -8.57
C HIS C 153 30.11 7.36 -8.41
N ILE C 154 29.84 7.73 -7.17
CA ILE C 154 29.60 9.10 -6.74
C ILE C 154 30.17 9.23 -5.35
N ILE C 155 30.61 10.43 -5.01
CA ILE C 155 31.13 10.71 -3.69
C ILE C 155 30.21 11.74 -3.06
N TRP C 156 29.51 11.32 -2.02
CA TRP C 156 28.44 12.09 -1.42
C TRP C 156 28.97 12.75 -0.16
N ASP C 157 28.95 14.07 -0.16
CA ASP C 157 29.38 14.87 0.97
C ASP C 157 28.16 15.19 1.81
N VAL C 158 28.22 14.85 3.09
CA VAL C 158 27.09 15.06 3.98
C VAL C 158 27.11 16.48 4.50
N GLY C 159 26.04 17.20 4.28
CA GLY C 159 25.96 18.61 4.64
C GLY C 159 24.53 19.02 4.76
N LEU C 160 24.25 20.27 4.41
CA LEU C 160 22.90 20.82 4.54
C LEU C 160 21.90 20.00 3.73
N GLN C 161 22.11 19.93 2.42
CA GLN C 161 21.30 19.05 1.57
C GLN C 161 21.62 17.62 1.96
N SER C 162 20.70 16.99 2.68
CA SER C 162 20.99 15.74 3.37
C SER C 162 21.25 14.60 2.40
N SER C 163 20.40 14.44 1.40
CA SER C 163 20.34 13.25 0.57
C SER C 163 21.11 13.42 -0.73
N CYS C 164 21.41 12.29 -1.35
CA CYS C 164 22.22 12.24 -2.56
C CYS C 164 21.82 11.08 -3.44
N VAL C 165 21.71 11.33 -4.74
CA VAL C 165 21.10 10.42 -5.70
C VAL C 165 22.19 9.74 -6.51
N LEU C 166 22.28 8.42 -6.40
CA LEU C 166 23.11 7.63 -7.28
C LEU C 166 22.17 7.03 -8.34
N CYS C 167 22.35 7.46 -9.58
CA CYS C 167 21.48 7.04 -10.68
C CYS C 167 22.19 5.91 -11.42
N ILE C 168 21.75 4.69 -11.13
CA ILE C 168 22.21 3.49 -11.82
C ILE C 168 21.79 3.57 -13.27
N PRO C 169 22.69 3.78 -14.21
CA PRO C 169 22.30 3.91 -15.61
C PRO C 169 21.97 2.54 -16.19
N TRP C 170 21.51 2.57 -17.43
CA TRP C 170 21.13 1.35 -18.12
C TRP C 170 22.29 0.95 -18.99
N ILE C 171 23.10 0.01 -18.52
CA ILE C 171 24.11 -0.62 -19.34
C ILE C 171 23.69 -2.07 -19.50
N SER C 172 23.43 -2.46 -20.73
CA SER C 172 23.02 -3.81 -21.07
C SER C 172 23.25 -4.01 -22.55
N GLN C 173 23.22 -5.27 -22.99
CA GLN C 173 23.20 -5.50 -24.42
C GLN C 173 21.78 -5.69 -24.94
N THR C 174 21.00 -6.53 -24.29
CA THR C 174 19.60 -6.71 -24.65
C THR C 174 18.83 -5.46 -24.33
N HIS C 175 17.92 -5.08 -25.22
CA HIS C 175 17.08 -3.91 -24.98
C HIS C 175 16.30 -4.05 -23.69
N TYR C 176 16.04 -5.26 -23.25
CA TYR C 176 15.24 -5.51 -22.06
C TYR C 176 15.96 -6.50 -21.15
N ARG C 177 15.37 -6.74 -19.98
CA ARG C 177 15.92 -7.66 -19.01
C ARG C 177 14.78 -8.40 -18.35
N LEU C 178 14.95 -9.68 -18.10
CA LEU C 178 13.89 -10.39 -17.42
C LEU C 178 13.71 -9.80 -16.03
N VAL C 179 12.51 -9.98 -15.48
CA VAL C 179 12.29 -9.63 -14.07
C VAL C 179 12.75 -10.77 -13.17
N GLN C 180 12.53 -12.01 -13.62
CA GLN C 180 13.08 -13.19 -12.97
C GLN C 180 14.49 -13.39 -13.50
N GLN C 181 15.40 -12.56 -12.98
CA GLN C 181 16.72 -12.46 -13.58
C GLN C 181 17.56 -13.70 -13.36
N ASP C 182 18.33 -14.05 -14.38
CA ASP C 182 19.32 -15.09 -14.36
C ASP C 182 20.70 -14.46 -14.53
N GLU C 183 21.73 -15.28 -14.70
CA GLU C 183 23.07 -14.75 -14.87
C GLU C 183 23.41 -14.49 -16.32
N TYR C 184 22.42 -14.53 -17.21
CA TYR C 184 22.61 -13.98 -18.53
C TYR C 184 22.24 -12.51 -18.55
N THR C 185 21.06 -12.18 -18.05
CA THR C 185 20.57 -10.81 -17.94
C THR C 185 20.84 -10.24 -16.56
N SER C 186 21.95 -10.61 -15.94
CA SER C 186 22.36 -9.99 -14.70
C SER C 186 22.56 -8.50 -14.93
N ALA C 187 22.54 -7.74 -13.84
CA ALA C 187 22.56 -6.28 -13.92
C ALA C 187 23.69 -5.62 -13.17
N GLY C 188 24.32 -6.31 -12.22
CA GLY C 188 25.45 -5.72 -11.52
C GLY C 188 25.30 -5.80 -10.02
N ASN C 189 25.86 -4.84 -9.30
CA ASN C 189 25.78 -4.80 -7.84
C ASN C 189 26.33 -3.47 -7.36
N VAL C 190 25.71 -2.90 -6.33
CA VAL C 190 26.16 -1.63 -5.78
C VAL C 190 26.74 -1.89 -4.41
N THR C 191 27.66 -1.01 -4.01
CA THR C 191 28.48 -1.21 -2.82
C THR C 191 28.84 0.17 -2.29
N CYS C 192 28.95 0.31 -0.97
CA CYS C 192 29.19 1.62 -0.37
C CYS C 192 30.31 1.56 0.65
N TRP C 193 31.21 2.54 0.59
CA TRP C 193 32.42 2.57 1.40
C TRP C 193 32.65 3.97 1.95
N TYR C 194 33.32 4.04 3.09
CA TYR C 194 33.70 5.34 3.65
C TYR C 194 34.76 5.98 2.78
N GLN C 195 34.63 7.26 2.52
CA GLN C 195 35.68 7.96 1.79
C GLN C 195 36.62 8.67 2.74
N THR C 196 36.10 9.33 3.76
CA THR C 196 36.92 9.91 4.81
C THR C 196 36.52 9.50 6.19
N GLY C 197 35.24 9.22 6.44
CA GLY C 197 34.79 8.78 7.74
C GLY C 197 33.85 9.78 8.37
N ILE C 198 33.31 9.39 9.52
CA ILE C 198 32.38 10.23 10.28
C ILE C 198 33.15 10.93 11.37
N VAL C 199 32.89 12.22 11.56
CA VAL C 199 33.52 13.01 12.61
C VAL C 199 32.43 13.79 13.33
N VAL C 200 32.38 13.65 14.65
CA VAL C 200 31.35 14.24 15.51
C VAL C 200 32.03 15.02 16.62
N PRO C 201 31.46 16.11 17.09
CA PRO C 201 32.03 16.78 18.25
C PRO C 201 31.71 16.05 19.53
N ALA C 202 32.03 16.65 20.67
CA ALA C 202 31.71 16.05 21.95
C ALA C 202 30.24 16.28 22.26
N GLY C 203 29.58 15.27 22.80
CA GLY C 203 28.20 15.41 23.20
C GLY C 203 27.16 15.06 22.15
N THR C 204 27.56 14.54 21.01
CA THR C 204 26.63 14.01 20.02
C THR C 204 26.82 12.51 19.91
N PRO C 205 25.80 11.76 19.50
CA PRO C 205 25.94 10.32 19.39
C PRO C 205 26.89 9.93 18.28
N THR C 206 27.47 8.75 18.40
CA THR C 206 28.43 8.31 17.40
C THR C 206 27.81 7.39 16.35
N SER C 207 26.72 6.71 16.66
CA SER C 207 26.12 5.75 15.76
C SER C 207 24.93 6.40 15.04
N CYS C 208 25.10 6.65 13.76
CA CYS C 208 24.12 7.26 12.88
C CYS C 208 23.53 6.21 11.95
N SER C 209 22.62 6.65 11.09
CA SER C 209 21.90 5.75 10.21
C SER C 209 21.71 6.41 8.85
N ILE C 210 21.82 5.62 7.79
CA ILE C 210 21.46 6.06 6.45
C ILE C 210 20.18 5.35 6.06
N MET C 211 19.55 5.80 4.98
CA MET C 211 18.38 5.15 4.43
C MET C 211 18.38 5.33 2.93
N CYS C 212 17.77 4.39 2.21
CA CYS C 212 17.90 4.31 0.77
C CYS C 212 16.53 4.20 0.12
N PHE C 213 16.23 5.11 -0.80
CA PHE C 213 14.94 5.16 -1.47
C PHE C 213 15.12 4.83 -2.94
N VAL C 214 14.37 3.86 -3.44
CA VAL C 214 14.51 3.41 -4.82
C VAL C 214 13.36 3.94 -5.65
N SER C 215 13.68 4.42 -6.85
CA SER C 215 12.64 4.84 -7.79
C SER C 215 13.14 4.61 -9.19
N ALA C 216 12.25 4.72 -10.16
CA ALA C 216 12.62 4.48 -11.54
C ALA C 216 12.81 5.80 -12.27
N CYS C 217 13.79 5.84 -13.16
CA CYS C 217 14.08 7.08 -13.88
C CYS C 217 12.96 7.32 -14.89
N ASN C 218 13.11 8.36 -15.70
CA ASN C 218 12.06 8.76 -16.62
C ASN C 218 12.14 8.02 -17.94
N ASP C 219 12.99 6.99 -18.03
CA ASP C 219 13.08 6.15 -19.22
C ASP C 219 12.82 4.69 -18.89
N PHE C 220 12.21 4.41 -17.76
CA PHE C 220 11.91 3.05 -17.37
C PHE C 220 10.67 2.57 -18.09
N SER C 221 10.59 1.27 -18.32
CA SER C 221 9.41 0.66 -18.90
C SER C 221 9.43 -0.81 -18.57
N VAL C 222 8.23 -1.39 -18.47
CA VAL C 222 8.06 -2.82 -18.21
C VAL C 222 7.10 -3.35 -19.25
N ARG C 223 7.20 -4.65 -19.53
CA ARG C 223 6.35 -5.25 -20.54
C ARG C 223 6.16 -6.75 -20.28
N LEU C 224 5.22 -7.33 -21.02
CA LEU C 224 4.82 -8.74 -20.93
C LEU C 224 4.21 -9.09 -19.58
N LEU C 225 2.99 -8.59 -19.37
CA LEU C 225 2.20 -8.87 -18.17
C LEU C 225 2.27 -10.34 -17.77
N LYS C 226 2.36 -10.58 -16.47
CA LYS C 226 2.34 -11.92 -15.90
C LYS C 226 1.64 -11.82 -14.56
N ASP C 227 1.51 -12.96 -13.89
CA ASP C 227 0.94 -12.93 -12.55
C ASP C 227 2.02 -12.69 -11.51
N THR C 228 1.60 -12.13 -10.38
CA THR C 228 2.56 -11.87 -9.33
C THR C 228 2.67 -13.06 -8.40
N PRO C 229 3.87 -13.47 -8.00
CA PRO C 229 4.00 -14.62 -7.10
C PRO C 229 3.74 -14.32 -5.64
N PHE C 230 3.37 -13.09 -5.29
CA PHE C 230 3.34 -12.68 -3.90
C PHE C 230 2.00 -12.90 -3.23
N ILE C 231 0.94 -13.17 -3.98
CA ILE C 231 -0.37 -13.39 -3.39
C ILE C 231 -0.80 -14.80 -3.75
N GLU C 232 -1.46 -15.48 -2.81
CA GLU C 232 -1.79 -16.87 -2.99
C GLU C 232 -2.84 -17.26 -1.97
N GLN C 233 -3.76 -18.15 -2.38
CA GLN C 233 -4.80 -18.62 -1.49
C GLN C 233 -4.92 -20.13 -1.61
N SER C 234 -5.72 -20.72 -0.73
CA SER C 234 -5.93 -22.15 -0.71
C SER C 234 -7.39 -22.56 -0.73
N ALA C 235 -8.31 -21.63 -0.95
CA ALA C 235 -9.74 -21.90 -1.12
C ALA C 235 -10.41 -20.56 -1.39
N LEU C 236 -11.66 -20.62 -1.84
CA LEU C 236 -12.43 -19.40 -2.06
C LEU C 236 -12.64 -18.70 -0.73
N LEU C 237 -13.27 -17.51 -0.75
CA LEU C 237 -13.49 -16.72 0.45
C LEU C 237 -12.15 -16.40 1.11
N GLN C 238 -11.37 -15.61 0.40
CA GLN C 238 -10.09 -15.18 0.91
C GLN C 238 -9.71 -13.89 0.26
N MET D 1 -19.90 3.31 -43.19
CA MET D 1 -21.25 3.33 -42.69
C MET D 1 -21.28 3.61 -41.20
N GLY D 2 -20.56 4.65 -40.79
CA GLY D 2 -20.38 4.91 -39.39
C GLY D 2 -19.14 4.29 -38.84
N ALA D 3 -18.15 4.04 -39.69
CA ALA D 3 -16.92 3.35 -39.34
C ALA D 3 -15.91 4.33 -38.79
N GLN D 4 -14.77 3.80 -38.40
CA GLN D 4 -13.62 4.63 -38.08
C GLN D 4 -12.36 3.82 -38.20
N VAL D 5 -11.44 4.32 -39.00
CA VAL D 5 -10.23 3.61 -39.39
C VAL D 5 -9.06 4.21 -38.63
N SER D 6 -8.58 3.50 -37.63
CA SER D 6 -7.51 4.00 -36.80
C SER D 6 -6.25 3.20 -37.07
N THR D 7 -5.18 3.52 -36.36
CA THR D 7 -3.91 2.89 -36.65
C THR D 7 -3.60 1.75 -35.68
N GLN D 8 -2.92 0.73 -36.20
CA GLN D 8 -2.59 -0.45 -35.43
C GLN D 8 -1.38 -0.17 -34.56
N LYS D 9 -0.97 -1.16 -33.77
CA LYS D 9 0.22 -1.06 -32.94
C LYS D 9 1.36 -1.76 -33.66
N THR D 10 2.25 -0.99 -34.24
CA THR D 10 3.47 -1.51 -34.86
C THR D 10 4.70 -0.95 -34.16
N GLY D 11 5.75 -1.74 -34.13
CA GLY D 11 7.01 -1.33 -33.55
C GLY D 11 7.76 -0.34 -34.44
N ALA D 12 8.84 0.20 -33.88
CA ALA D 12 9.64 1.19 -34.57
C ALA D 12 11.08 0.71 -34.64
N HIS D 13 11.86 1.34 -35.52
CA HIS D 13 13.23 0.91 -35.73
C HIS D 13 14.14 1.92 -36.41
N ILE D 24 -2.31 -0.43 -44.61
CA ILE D 24 -1.85 -1.77 -44.25
C ILE D 24 -1.49 -1.81 -42.76
N ILE D 25 -1.56 -0.64 -42.13
CA ILE D 25 -1.47 -0.53 -40.69
C ILE D 25 -2.66 0.25 -40.13
N HIS D 26 -3.77 0.23 -40.86
CA HIS D 26 -5.01 0.81 -40.42
C HIS D 26 -6.00 -0.31 -40.18
N TYR D 27 -6.73 -0.24 -39.10
CA TYR D 27 -7.81 -1.19 -38.83
C TYR D 27 -9.12 -0.45 -38.71
N THR D 28 -10.22 -1.20 -38.88
CA THR D 28 -11.55 -0.64 -39.01
C THR D 28 -12.41 -0.99 -37.82
N ASN D 29 -13.16 -0.03 -37.31
CA ASN D 29 -14.05 -0.26 -36.19
C ASN D 29 -15.46 0.21 -36.53
N ILE D 30 -16.44 -0.59 -36.14
CA ILE D 30 -17.85 -0.23 -36.21
C ILE D 30 -18.50 -0.73 -34.93
N ASN D 31 -19.32 0.12 -34.32
CA ASN D 31 -20.05 -0.24 -33.11
C ASN D 31 -21.44 -0.68 -33.47
N TYR D 32 -21.91 -1.78 -32.87
CA TYR D 32 -23.17 -2.37 -33.25
C TYR D 32 -24.29 -2.15 -32.25
N TYR D 33 -23.99 -1.80 -31.01
CA TYR D 33 -24.96 -1.77 -29.94
C TYR D 33 -25.30 -0.33 -29.54
N LYS D 34 -26.46 -0.19 -28.91
CA LYS D 34 -27.00 1.11 -28.57
C LYS D 34 -26.45 1.68 -27.28
N ASP D 35 -25.41 1.10 -26.72
CA ASP D 35 -24.94 1.45 -25.40
C ASP D 35 -23.42 1.48 -25.38
N ALA D 36 -22.86 2.54 -24.82
CA ALA D 36 -21.41 2.67 -24.77
C ALA D 36 -20.77 1.72 -23.78
N ALA D 37 -21.54 1.09 -22.91
CA ALA D 37 -21.04 0.03 -22.07
C ALA D 37 -20.89 -1.28 -22.81
N SER D 38 -21.12 -1.28 -24.12
CA SER D 38 -20.94 -2.44 -24.96
C SER D 38 -19.74 -2.34 -25.87
N ASN D 39 -19.00 -1.23 -25.83
CA ASN D 39 -17.93 -1.00 -26.76
C ASN D 39 -16.75 -1.90 -26.45
N SER D 40 -15.64 -1.67 -27.15
CA SER D 40 -14.38 -2.33 -26.84
C SER D 40 -13.72 -1.60 -25.68
N ALA D 41 -12.45 -1.91 -25.42
CA ALA D 41 -11.66 -1.19 -24.43
C ALA D 41 -10.76 -0.18 -25.12
N ASN D 42 -10.40 0.86 -24.38
CA ASN D 42 -9.62 1.96 -24.94
C ASN D 42 -8.13 1.72 -24.70
N ARG D 43 -7.63 0.67 -25.34
CA ARG D 43 -6.27 0.25 -25.10
C ARG D 43 -5.24 1.11 -25.81
N GLN D 44 -5.65 2.18 -26.48
CA GLN D 44 -4.72 2.99 -27.25
C GLN D 44 -4.66 4.44 -26.77
N ASP D 45 -5.01 4.69 -25.51
CA ASP D 45 -4.75 5.96 -24.86
C ASP D 45 -3.56 5.79 -23.93
N PHE D 46 -2.47 6.48 -24.23
CA PHE D 46 -1.28 6.47 -23.38
C PHE D 46 -1.02 7.91 -22.95
N SER D 47 -1.32 8.21 -21.69
CA SER D 47 -1.06 9.53 -21.14
C SER D 47 -0.40 9.35 -19.78
N GLN D 48 0.21 10.42 -19.30
CA GLN D 48 0.93 10.38 -18.04
C GLN D 48 0.92 11.75 -17.39
N ASP D 49 1.10 11.74 -16.08
CA ASP D 49 1.41 12.95 -15.34
C ASP D 49 2.02 12.57 -14.01
N PRO D 50 3.25 12.07 -13.99
CA PRO D 50 3.82 11.61 -12.72
C PRO D 50 4.08 12.72 -11.73
N GLY D 51 4.31 13.95 -12.19
CA GLY D 51 4.58 15.03 -11.26
C GLY D 51 3.50 15.22 -10.22
N LYS D 52 2.37 14.53 -10.38
CA LYS D 52 1.30 14.60 -9.41
C LYS D 52 1.67 13.86 -8.13
N PHE D 53 2.34 12.72 -8.28
CA PHE D 53 2.82 11.90 -7.17
C PHE D 53 4.30 12.07 -6.93
N THR D 54 5.05 12.30 -8.00
CA THR D 54 6.50 12.41 -7.93
C THR D 54 6.92 13.74 -7.32
N GLU D 55 6.30 14.84 -7.75
CA GLU D 55 6.63 16.18 -7.26
C GLU D 55 5.37 16.90 -6.84
N PRO D 56 4.77 16.51 -5.71
CA PRO D 56 3.60 17.20 -5.16
C PRO D 56 4.00 18.24 -4.12
N VAL D 57 4.57 19.34 -4.56
CA VAL D 57 5.07 20.35 -3.65
C VAL D 57 4.52 21.70 -4.09
N LYS D 58 4.49 22.64 -3.15
CA LYS D 58 3.95 23.96 -3.45
C LYS D 58 4.90 24.76 -4.33
N ASP D 59 6.14 24.94 -3.89
CA ASP D 59 7.15 25.63 -4.67
C ASP D 59 7.90 24.63 -5.53
N ILE D 60 8.33 25.08 -6.70
CA ILE D 60 9.03 24.19 -7.61
C ILE D 60 10.46 23.99 -7.11
N MET D 61 11.06 22.89 -7.57
CA MET D 61 12.45 22.57 -7.27
C MET D 61 13.12 22.20 -8.59
N VAL D 62 14.24 22.87 -8.89
CA VAL D 62 14.71 22.98 -10.27
C VAL D 62 15.87 22.05 -10.60
N LYS D 63 16.16 21.06 -9.76
CA LYS D 63 16.98 19.93 -10.18
C LYS D 63 18.45 20.29 -10.38
N SER D 64 18.79 21.56 -10.29
CA SER D 64 20.19 21.95 -10.37
C SER D 64 20.56 22.98 -9.33
N LEU D 65 19.63 23.38 -8.52
CA LEU D 65 19.80 24.22 -7.36
C LEU D 65 19.67 23.37 -6.11
N PRO D 66 20.24 23.80 -4.99
CA PRO D 66 20.05 23.05 -3.76
C PRO D 66 18.57 22.95 -3.43
N ALA D 67 18.16 21.79 -2.93
CA ALA D 67 16.77 21.59 -2.57
C ALA D 67 16.31 22.53 -1.48
N LEU D 68 17.25 23.17 -0.79
CA LEU D 68 17.00 24.13 0.27
C LEU D 68 17.79 25.38 -0.08
N ASN D 69 17.92 26.32 0.85
CA ASN D 69 18.86 27.43 0.70
C ASN D 69 18.38 28.47 -0.28
N LYS E 1 -22.64 8.71 34.70
CA LYS E 1 -21.37 9.09 35.30
C LYS E 1 -20.21 8.32 34.65
N SER E 2 -19.05 8.96 34.58
CA SER E 2 -17.92 8.44 33.83
C SER E 2 -16.76 8.16 34.77
N CYS E 3 -16.21 6.95 34.67
CA CYS E 3 -14.97 6.63 35.36
C CYS E 3 -13.82 7.45 34.77
N PRO E 4 -12.75 7.65 35.53
CA PRO E 4 -11.57 8.33 34.97
C PRO E 4 -11.00 7.53 33.81
N ASN E 5 -10.13 8.19 33.06
CA ASN E 5 -9.56 7.56 31.87
C ASN E 5 -8.82 6.28 32.26
N PRO E 6 -9.00 5.19 31.52
CA PRO E 6 -8.29 3.95 31.84
C PRO E 6 -6.79 4.14 31.94
N GLY E 7 -6.20 4.66 30.87
CA GLY E 7 -4.78 4.89 30.86
C GLY E 7 -4.12 4.35 29.61
N GLU E 8 -2.93 3.77 29.75
CA GLU E 8 -2.23 3.24 28.59
C GLU E 8 -1.23 2.20 29.09
N ILE E 9 -1.47 0.94 28.78
CA ILE E 9 -0.53 -0.14 29.09
C ILE E 9 0.52 -0.14 27.99
N ARG E 10 1.73 0.28 28.29
CA ARG E 10 2.78 0.21 27.29
C ARG E 10 3.21 -1.24 27.10
N ASN E 11 3.60 -1.58 25.87
CA ASN E 11 3.80 -2.95 25.43
C ASN E 11 2.52 -3.77 25.56
N GLY E 12 1.37 -3.11 25.61
CA GLY E 12 0.11 -3.78 25.77
C GLY E 12 -1.04 -3.01 25.16
N GLN E 13 -2.27 -3.39 25.50
CA GLN E 13 -3.44 -2.79 24.87
C GLN E 13 -4.63 -2.87 25.80
N ILE E 14 -5.52 -1.87 25.69
CA ILE E 14 -6.74 -1.78 26.46
C ILE E 14 -7.90 -1.78 25.49
N ASP E 15 -8.86 -2.68 25.71
CA ASP E 15 -10.02 -2.84 24.84
C ASP E 15 -11.25 -2.42 25.61
N VAL E 16 -11.91 -1.35 25.14
CA VAL E 16 -13.08 -0.79 25.79
C VAL E 16 -14.28 -0.94 24.86
N PRO E 17 -14.94 -2.10 24.82
CA PRO E 17 -16.00 -2.32 23.83
C PRO E 17 -17.29 -1.57 24.09
N GLY E 18 -17.44 -0.90 25.22
CA GLY E 18 -18.70 -0.26 25.52
C GLY E 18 -18.61 1.07 26.26
N GLY E 19 -17.50 1.76 26.15
CA GLY E 19 -17.35 3.02 26.82
C GLY E 19 -16.71 2.87 28.18
N ILE E 20 -16.75 3.97 28.94
CA ILE E 20 -16.18 4.00 30.28
C ILE E 20 -17.22 4.48 31.28
N LEU E 21 -18.49 4.48 30.87
CA LEU E 21 -19.54 4.93 31.77
C LEU E 21 -19.75 3.90 32.88
N PHE E 22 -20.72 4.16 33.74
CA PHE E 22 -20.94 3.30 34.89
C PHE E 22 -21.24 1.87 34.47
N GLY E 23 -20.64 0.91 35.18
CA GLY E 23 -20.89 -0.49 34.90
C GLY E 23 -20.30 -0.98 33.61
N ALA E 24 -19.31 -0.30 33.06
CA ALA E 24 -18.66 -0.69 31.81
C ALA E 24 -17.35 -1.39 32.12
N THR E 25 -17.12 -2.51 31.46
CA THR E 25 -15.93 -3.33 31.65
C THR E 25 -14.93 -3.08 30.53
N ILE E 26 -13.64 -3.25 30.85
CA ILE E 26 -12.56 -3.07 29.89
C ILE E 26 -11.58 -4.23 30.09
N SER E 27 -10.88 -4.59 29.02
CA SER E 27 -9.98 -5.74 29.05
C SER E 27 -8.56 -5.31 28.71
N PHE E 28 -7.60 -6.10 29.20
CA PHE E 28 -6.18 -5.80 29.08
C PHE E 28 -5.46 -6.93 28.38
N SER E 29 -4.52 -6.58 27.51
CA SER E 29 -3.73 -7.55 26.78
C SER E 29 -2.28 -7.07 26.69
N CYS E 30 -1.38 -7.99 26.38
CA CYS E 30 0.03 -7.65 26.18
C CYS E 30 0.49 -8.13 24.82
N ASN E 31 1.37 -7.36 24.19
CA ASN E 31 1.83 -7.64 22.85
C ASN E 31 2.59 -8.96 22.80
N THR E 32 2.92 -9.38 21.59
CA THR E 32 3.71 -10.60 21.41
C THR E 32 5.13 -10.36 21.91
N GLY E 33 5.53 -11.11 22.92
CA GLY E 33 6.84 -10.95 23.53
C GLY E 33 6.80 -10.48 24.96
N TYR E 34 5.63 -10.31 25.57
CA TYR E 34 5.52 -9.87 26.95
C TYR E 34 4.45 -10.69 27.66
N LYS E 35 4.67 -10.91 28.96
CA LYS E 35 3.73 -11.60 29.81
C LYS E 35 2.98 -10.59 30.66
N LEU E 36 1.69 -10.85 30.86
CA LEU E 36 0.79 -9.91 31.54
C LEU E 36 0.75 -10.25 33.03
N PHE E 37 1.47 -9.47 33.83
CA PHE E 37 1.43 -9.59 35.28
C PHE E 37 0.45 -8.55 35.80
N GLY E 38 -0.71 -9.01 36.25
CA GLY E 38 -1.71 -8.13 36.80
C GLY E 38 -3.09 -8.66 36.51
N SER E 39 -4.06 -7.75 36.56
CA SER E 39 -5.44 -8.09 36.32
C SER E 39 -5.73 -8.13 34.83
N THR E 40 -6.78 -8.87 34.47
CA THR E 40 -7.17 -9.00 33.07
C THR E 40 -8.27 -8.03 32.66
N SER E 41 -9.15 -7.66 33.58
CA SER E 41 -10.27 -6.78 33.25
C SER E 41 -10.53 -5.83 34.40
N SER E 42 -11.28 -4.77 34.10
CA SER E 42 -11.57 -3.72 35.07
C SER E 42 -12.95 -3.15 34.82
N PHE E 43 -13.75 -3.01 35.87
CA PHE E 43 -15.11 -2.49 35.77
C PHE E 43 -15.20 -1.11 36.38
N CYS E 44 -16.24 -0.38 35.98
CA CYS E 44 -16.52 0.97 36.48
C CYS E 44 -17.49 0.83 37.65
N LEU E 45 -16.95 0.86 38.87
CA LEU E 45 -17.73 0.65 40.07
C LEU E 45 -17.75 1.93 40.91
N ILE E 46 -18.48 1.89 42.02
CA ILE E 46 -18.63 3.03 42.90
C ILE E 46 -17.51 3.00 43.94
N SER E 47 -16.77 4.10 44.03
CA SER E 47 -15.58 4.18 44.88
C SER E 47 -15.72 5.40 45.79
N GLY E 48 -16.40 5.21 46.91
CA GLY E 48 -16.31 6.14 48.03
C GLY E 48 -16.96 7.48 47.77
N SER E 49 -16.33 8.26 46.89
CA SER E 49 -16.80 9.60 46.55
C SER E 49 -16.88 9.81 45.05
N SER E 50 -16.75 8.75 44.26
CA SER E 50 -16.83 8.86 42.81
C SER E 50 -17.21 7.49 42.25
N VAL E 51 -17.05 7.33 40.94
CA VAL E 51 -16.97 6.01 40.33
C VAL E 51 -15.57 5.87 39.74
N GLN E 52 -14.91 4.76 40.05
CA GLN E 52 -13.57 4.53 39.54
C GLN E 52 -13.48 3.08 39.07
N TRP E 53 -12.26 2.61 38.87
CA TRP E 53 -12.05 1.34 38.21
C TRP E 53 -11.86 0.22 39.21
N SER E 54 -12.40 -0.95 38.87
CA SER E 54 -12.32 -2.11 39.74
C SER E 54 -10.88 -2.48 40.05
N ASP E 55 -10.09 -2.75 39.02
CA ASP E 55 -8.72 -3.19 39.17
C ASP E 55 -7.75 -2.18 38.55
N PRO E 56 -6.57 -2.01 39.13
CA PRO E 56 -5.57 -1.11 38.54
C PRO E 56 -4.96 -1.72 37.28
N LEU E 57 -4.16 -0.91 36.60
CA LEU E 57 -3.59 -1.33 35.32
C LEU E 57 -2.50 -2.37 35.55
N PRO E 58 -2.43 -3.39 34.70
CA PRO E 58 -1.39 -4.41 34.84
C PRO E 58 -0.11 -4.03 34.13
N GLU E 59 0.88 -4.93 34.15
CA GLU E 59 2.17 -4.67 33.53
C GLU E 59 2.51 -5.75 32.52
N CYS E 60 3.06 -5.34 31.38
CA CYS E 60 3.56 -6.27 30.38
C CYS E 60 5.06 -6.35 30.56
N ARG E 61 5.53 -7.45 31.15
CA ARG E 61 6.95 -7.63 31.43
C ARG E 61 7.57 -8.59 30.43
N GLU E 62 8.78 -8.30 30.00
CA GLU E 62 9.38 -8.96 28.85
C GLU E 62 9.52 -10.45 29.07
N ILE E 63 9.18 -11.23 28.05
CA ILE E 63 9.42 -12.67 28.07
C ILE E 63 10.87 -12.92 27.67
N TYR E 64 11.53 -13.82 28.39
CA TYR E 64 12.95 -14.10 28.18
C TYR E 64 13.15 -15.54 27.76
N CYS E 65 14.00 -15.73 26.76
CA CYS E 65 14.45 -17.09 26.46
C CYS E 65 15.50 -17.52 27.47
N PRO E 66 15.53 -18.80 27.84
CA PRO E 66 16.55 -19.27 28.78
C PRO E 66 17.95 -19.12 28.20
N ALA E 67 18.94 -19.26 29.07
CA ALA E 67 20.32 -19.16 28.64
C ALA E 67 20.58 -20.13 27.49
N PRO E 68 21.31 -19.73 26.46
CA PRO E 68 21.48 -20.57 25.28
C PRO E 68 22.26 -21.82 25.63
N PRO E 69 21.84 -22.98 25.10
CA PRO E 69 22.54 -24.24 25.43
C PRO E 69 23.94 -24.24 24.86
N GLN E 70 24.94 -24.34 25.75
CA GLN E 70 26.32 -24.38 25.30
C GLN E 70 26.58 -25.62 24.45
N ILE E 71 27.65 -25.55 23.66
CA ILE E 71 28.04 -26.66 22.81
C ILE E 71 29.46 -27.06 23.16
N ASP E 72 29.73 -28.37 23.08
CA ASP E 72 31.08 -28.85 23.24
C ASP E 72 31.93 -28.45 22.04
N ASN E 73 33.24 -28.35 22.27
CA ASN E 73 34.22 -27.99 21.24
C ASN E 73 33.93 -26.64 20.61
N GLY E 74 33.21 -25.77 21.32
CA GLY E 74 32.79 -24.50 20.75
C GLY E 74 32.90 -23.32 21.70
N ILE E 75 32.29 -22.20 21.31
CA ILE E 75 32.40 -20.96 22.05
C ILE E 75 31.26 -20.04 21.61
N ILE E 76 30.90 -19.08 22.46
CA ILE E 76 29.88 -18.08 22.16
C ILE E 76 30.52 -16.71 22.28
N GLN E 77 30.32 -15.88 21.27
CA GLN E 77 30.96 -14.57 21.21
C GLN E 77 30.25 -13.61 22.17
N GLY E 78 30.86 -13.41 23.34
CA GLY E 78 30.31 -12.51 24.33
C GLY E 78 28.95 -12.95 24.83
N GLU E 79 28.91 -14.10 25.50
CA GLU E 79 27.65 -14.63 25.99
C GLU E 79 27.09 -13.70 27.07
N ARG E 80 25.77 -13.65 27.14
CA ARG E 80 25.09 -12.66 27.97
C ARG E 80 23.85 -13.29 28.60
N ASP E 81 23.35 -12.65 29.66
CA ASP E 81 22.03 -12.95 30.17
C ASP E 81 21.03 -11.99 29.51
N HIS E 82 19.77 -12.08 29.94
CA HIS E 82 18.72 -11.19 29.44
C HIS E 82 18.59 -11.30 27.92
N TYR E 83 18.29 -12.51 27.46
CA TYR E 83 18.09 -12.76 26.03
C TYR E 83 16.60 -12.64 25.71
N GLY E 84 16.18 -11.40 25.43
CA GLY E 84 14.79 -11.13 25.17
C GLY E 84 14.35 -11.65 23.81
N TYR E 85 13.18 -11.19 23.41
CA TYR E 85 12.59 -11.59 22.14
C TYR E 85 13.37 -10.98 20.98
N ARG E 86 13.48 -11.75 19.89
CA ARG E 86 14.13 -11.37 18.65
C ARG E 86 15.64 -11.16 18.79
N GLN E 87 16.24 -11.52 19.91
CA GLN E 87 17.67 -11.35 20.11
C GLN E 87 18.41 -12.64 19.79
N SER E 88 19.69 -12.47 19.44
CA SER E 88 20.47 -13.50 18.78
C SER E 88 21.61 -14.00 19.68
N VAL E 89 22.05 -15.22 19.39
CA VAL E 89 23.18 -15.84 20.06
C VAL E 89 24.06 -16.47 18.99
N THR E 90 25.31 -16.02 18.90
CA THR E 90 26.22 -16.44 17.85
C THR E 90 27.24 -17.43 18.40
N TYR E 91 27.45 -18.52 17.67
CA TYR E 91 28.36 -19.57 18.07
C TYR E 91 29.64 -19.52 17.24
N ALA E 92 30.59 -20.36 17.63
CA ALA E 92 31.81 -20.59 16.85
C ALA E 92 32.42 -21.89 17.31
N CYS E 93 33.22 -22.50 16.43
CA CYS E 93 33.93 -23.71 16.74
C CYS E 93 35.37 -23.40 17.13
N ASN E 94 36.04 -24.37 17.74
CA ASN E 94 37.39 -24.20 18.21
C ASN E 94 38.40 -24.71 17.19
N LYS E 95 39.68 -24.49 17.50
CA LYS E 95 40.77 -24.88 16.60
C LYS E 95 40.71 -26.35 16.23
N GLY E 96 40.73 -26.63 14.94
CA GLY E 96 40.69 -27.99 14.46
C GLY E 96 39.31 -28.60 14.36
N PHE E 97 38.26 -27.79 14.41
CA PHE E 97 36.89 -28.28 14.40
C PHE E 97 36.09 -27.53 13.34
N THR E 98 35.16 -28.24 12.72
CA THR E 98 34.37 -27.72 11.62
C THR E 98 32.93 -27.50 12.06
N MET E 99 32.34 -26.39 11.63
CA MET E 99 31.03 -25.97 12.09
C MET E 99 29.94 -26.53 11.17
N ILE E 100 28.89 -27.07 11.78
CA ILE E 100 27.78 -27.65 11.05
C ILE E 100 26.47 -27.10 11.60
N GLY E 101 25.57 -26.74 10.70
CA GLY E 101 24.23 -26.32 11.08
C GLY E 101 24.09 -24.82 11.20
N GLU E 102 22.94 -24.42 11.72
CA GLU E 102 22.68 -23.00 12.00
C GLU E 102 23.74 -22.47 12.95
N HIS E 103 24.60 -21.59 12.47
CA HIS E 103 25.70 -21.11 13.27
C HIS E 103 25.29 -20.06 14.29
N SER E 104 24.01 -19.72 14.37
CA SER E 104 23.52 -18.75 15.35
C SER E 104 22.03 -18.95 15.53
N ILE E 105 21.57 -18.82 16.77
CA ILE E 105 20.19 -19.14 17.15
C ILE E 105 19.50 -17.87 17.62
N TYR E 106 18.25 -17.69 17.21
CA TYR E 106 17.51 -16.47 17.49
C TYR E 106 16.30 -16.80 18.35
N CYS E 107 16.08 -16.00 19.39
CA CYS E 107 15.03 -16.26 20.36
C CYS E 107 13.67 -15.74 19.87
N THR E 108 12.68 -16.62 19.89
CA THR E 108 11.29 -16.26 19.59
C THR E 108 10.42 -16.64 20.79
N VAL E 109 9.11 -16.49 20.64
CA VAL E 109 8.17 -16.84 21.67
C VAL E 109 7.05 -17.67 21.05
N ASN E 110 6.72 -18.79 21.69
CA ASN E 110 5.67 -19.69 21.24
C ASN E 110 4.79 -20.04 22.41
N ASN E 111 3.47 -20.01 22.18
CA ASN E 111 2.48 -20.32 23.22
C ASN E 111 2.65 -19.45 24.46
N ASP E 112 3.14 -18.22 24.27
CA ASP E 112 3.38 -17.29 25.37
C ASP E 112 4.55 -17.71 26.24
N GLU E 113 5.54 -18.38 25.67
CA GLU E 113 6.73 -18.79 26.41
C GLU E 113 7.95 -18.64 25.50
N GLY E 114 9.05 -18.14 26.07
CA GLY E 114 10.25 -17.94 25.27
C GLY E 114 10.87 -19.26 24.84
N GLU E 115 11.38 -19.28 23.61
CA GLU E 115 11.93 -20.49 23.02
C GLU E 115 12.98 -20.10 22.00
N TRP E 116 14.12 -20.77 22.03
CA TRP E 116 15.12 -20.55 20.99
C TRP E 116 14.66 -21.18 19.68
N SER E 117 15.43 -20.92 18.63
CA SER E 117 15.20 -21.56 17.34
C SER E 117 15.81 -22.96 17.36
N GLY E 118 16.01 -23.55 16.19
CA GLY E 118 16.58 -24.87 16.07
C GLY E 118 17.89 -25.06 16.82
N PRO E 119 18.39 -26.29 16.84
CA PRO E 119 19.49 -26.61 17.74
C PRO E 119 20.75 -25.85 17.37
N PRO E 120 21.60 -25.58 18.33
CA PRO E 120 22.87 -24.89 18.04
C PRO E 120 23.74 -25.73 17.13
N PRO E 121 24.82 -25.17 16.59
CA PRO E 121 25.64 -25.93 15.64
C PRO E 121 26.42 -27.07 16.30
N GLU E 122 27.19 -27.79 15.48
CA GLU E 122 28.07 -28.85 15.95
C GLU E 122 29.49 -28.56 15.49
N CYS E 123 30.45 -29.01 16.28
CA CYS E 123 31.87 -28.87 15.97
C CYS E 123 32.46 -30.26 15.78
N ARG E 124 32.80 -30.59 14.53
CA ARG E 124 33.41 -31.87 14.20
C ARG E 124 34.92 -31.79 14.37
N GLY E 125 35.51 -32.90 14.79
CA GLY E 125 36.94 -33.00 14.93
C GLY E 125 37.64 -33.06 13.59
#